data_7R3H
#
_entry.id   7R3H
#
_cell.length_a   87.952
_cell.length_b   91.560
_cell.length_c   117.329
_cell.angle_alpha   90.000
_cell.angle_beta   90.000
_cell.angle_gamma   90.000
#
_symmetry.space_group_name_H-M   'P 21 21 21'
#
loop_
_entity.id
_entity.type
_entity.pdbx_description
1 polymer 'PROSS optimized variant of RhlR with 75 mutations'
2 non-polymer N-[(3S)-2-oxotetrahydrofuran-3-yl]butanamide
#
_entity_poly.entity_id   1
_entity_poly.type   'polypeptide(L)'
_entity_poly.pdbx_seq_one_letter_code
;MRNDGGFLDWWEDLRSEMQSITDSQEVFAVLEKEVRRLGFDYYAYCVRHPIPFTRPRIFMFGNYPPAWQEHYQAQNYFAI
DPTIRHCLRSGNHIVWSDDLFADAQELWDDARDYGLRHGATHSCMAPNGVMGFLSVARSSPAISPHEREELRLRMRCLIE
LLHQTLTELNHPSLQPQPICLSKREREILRWTADGKTSAEIAKILGISESTVNFHLKNIQKKFNAPNKTQAAAYAAALGL
I
;
_entity_poly.pdbx_strand_id   B,A,C,D
#
loop_
_chem_comp.id
_chem_comp.type
_chem_comp.name
_chem_comp.formula
HL4 non-polymer N-[(3S)-2-oxotetrahydrofuran-3-yl]butanamide 'C8 H13 N O3'
#
# COMPACT_ATOMS: atom_id res chain seq x y z
N GLY A 6 -0.49 -10.40 -37.47
CA GLY A 6 -0.39 -8.96 -37.54
C GLY A 6 -0.66 -8.28 -36.21
N PHE A 7 -1.64 -7.38 -36.18
CA PHE A 7 -1.99 -6.71 -34.94
C PHE A 7 -2.61 -7.67 -33.94
N LEU A 8 -3.58 -8.48 -34.39
CA LEU A 8 -4.21 -9.44 -33.49
C LEU A 8 -3.19 -10.42 -32.93
N ASP A 9 -2.19 -10.80 -33.74
CA ASP A 9 -1.15 -11.70 -33.25
C ASP A 9 -0.27 -11.00 -32.23
N TRP A 10 0.10 -9.74 -32.49
CA TRP A 10 0.99 -9.02 -31.58
C TRP A 10 0.35 -8.88 -30.19
N TRP A 11 -0.91 -8.46 -30.15
CA TRP A 11 -1.57 -8.25 -28.87
C TRP A 11 -1.77 -9.57 -28.12
N GLU A 12 -2.05 -10.66 -28.84
CA GLU A 12 -2.30 -11.93 -28.20
C GLU A 12 -1.07 -12.43 -27.45
N ASP A 13 0.08 -12.46 -28.13
CA ASP A 13 1.30 -12.93 -27.49
C ASP A 13 1.70 -12.01 -26.34
N LEU A 14 1.48 -10.71 -26.48
CA LEU A 14 1.89 -9.78 -25.44
C LEU A 14 1.03 -9.94 -24.19
N ARG A 15 -0.28 -10.13 -24.37
CA ARG A 15 -1.13 -10.41 -23.21
C ARG A 15 -0.68 -11.67 -22.48
N SER A 16 -0.16 -12.65 -23.22
CA SER A 16 0.26 -13.90 -22.59
C SER A 16 1.49 -13.67 -21.71
N GLU A 17 2.46 -12.89 -22.19
CA GLU A 17 3.68 -12.67 -21.41
C GLU A 17 3.38 -11.95 -20.10
N MET A 18 2.46 -10.99 -20.12
CA MET A 18 2.19 -10.21 -18.91
C MET A 18 1.38 -11.02 -17.91
N GLN A 19 0.41 -11.80 -18.39
CA GLN A 19 -0.36 -12.66 -17.50
C GLN A 19 0.47 -13.82 -16.94
N SER A 20 1.68 -14.04 -17.47
CA SER A 20 2.52 -15.16 -17.06
C SER A 20 3.54 -14.79 -15.99
N ILE A 21 4.01 -13.55 -15.96
CA ILE A 21 5.08 -13.14 -15.06
C ILE A 21 4.54 -12.90 -13.65
N THR A 22 5.44 -12.59 -12.72
CA THR A 22 5.03 -12.31 -11.35
C THR A 22 5.93 -11.30 -10.66
N ASP A 23 6.88 -10.68 -11.36
CA ASP A 23 7.81 -9.73 -10.78
C ASP A 23 7.73 -8.40 -11.54
N SER A 24 8.15 -7.33 -10.87
CA SER A 24 8.15 -6.02 -11.51
C SER A 24 9.27 -5.91 -12.54
N GLN A 25 10.41 -6.51 -12.27
CA GLN A 25 11.52 -6.46 -13.22
C GLN A 25 11.17 -7.15 -14.53
N GLU A 26 10.39 -8.24 -14.46
CA GLU A 26 9.96 -8.91 -15.68
C GLU A 26 9.05 -8.02 -16.52
N VAL A 27 8.25 -7.17 -15.88
CA VAL A 27 7.43 -6.21 -16.62
C VAL A 27 8.34 -5.32 -17.46
N PHE A 28 9.30 -4.66 -16.81
CA PHE A 28 10.12 -3.66 -17.47
C PHE A 28 11.16 -4.25 -18.40
N ALA A 29 11.33 -5.58 -18.39
CA ALA A 29 12.15 -6.24 -19.39
C ALA A 29 11.35 -6.58 -20.63
N VAL A 30 10.08 -6.95 -20.46
CA VAL A 30 9.22 -7.24 -21.60
C VAL A 30 8.92 -5.96 -22.38
N LEU A 31 8.75 -4.84 -21.67
CA LEU A 31 8.47 -3.57 -22.33
C LEU A 31 9.67 -3.11 -23.16
N GLU A 32 10.86 -3.12 -22.57
CA GLU A 32 12.05 -2.71 -23.30
C GLU A 32 12.21 -3.51 -24.59
N LYS A 33 11.87 -4.80 -24.54
CA LYS A 33 11.91 -5.63 -25.74
C LYS A 33 10.93 -5.14 -26.79
N GLU A 34 9.69 -4.86 -26.37
CA GLU A 34 8.68 -4.41 -27.32
C GLU A 34 9.04 -3.06 -27.92
N VAL A 35 9.56 -2.15 -27.10
CA VAL A 35 9.94 -0.83 -27.61
C VAL A 35 11.04 -0.95 -28.65
N ARG A 36 11.99 -1.87 -28.42
CA ARG A 36 12.98 -2.14 -29.45
C ARG A 36 12.32 -2.63 -30.74
N ARG A 37 11.30 -3.48 -30.60
CA ARG A 37 10.54 -3.93 -31.77
C ARG A 37 9.69 -2.83 -32.36
N LEU A 38 9.32 -1.82 -31.56
CA LEU A 38 8.60 -0.67 -32.07
C LEU A 38 9.45 0.19 -33.01
N GLY A 39 10.78 -0.01 -33.01
CA GLY A 39 11.67 0.78 -33.82
C GLY A 39 12.32 1.94 -33.11
N PHE A 40 12.34 1.94 -31.78
CA PHE A 40 12.90 3.03 -31.00
C PHE A 40 14.07 2.53 -30.16
N ASP A 41 14.94 3.47 -29.78
CA ASP A 41 16.15 3.11 -29.05
C ASP A 41 15.88 2.94 -27.55
N TYR A 42 15.14 3.88 -26.95
CA TYR A 42 14.91 3.89 -25.52
C TYR A 42 13.46 4.23 -25.23
N TYR A 43 13.09 4.15 -23.95
CA TYR A 43 11.75 4.50 -23.50
C TYR A 43 11.84 5.12 -22.11
N ALA A 44 10.68 5.50 -21.57
CA ALA A 44 10.59 6.05 -20.23
C ALA A 44 9.15 6.07 -19.76
N TYR A 45 8.90 5.54 -18.57
CA TYR A 45 7.56 5.44 -18.00
C TYR A 45 7.51 6.25 -16.71
N CYS A 46 6.59 7.22 -16.66
CA CYS A 46 6.47 8.12 -15.52
C CYS A 46 5.05 8.08 -14.98
N VAL A 47 4.93 7.81 -13.69
CA VAL A 47 3.65 7.77 -13.00
C VAL A 47 3.64 8.88 -11.96
N ARG A 48 2.69 9.80 -12.07
CA ARG A 48 2.54 10.90 -11.12
C ARG A 48 1.15 10.86 -10.49
N HIS A 49 1.09 11.22 -9.22
CA HIS A 49 -0.15 11.21 -8.47
C HIS A 49 -0.61 12.64 -8.17
N PRO A 50 -1.91 12.87 -7.99
CA PRO A 50 -2.38 14.23 -7.70
C PRO A 50 -2.04 14.69 -6.30
N ILE A 51 -1.83 13.77 -5.36
CA ILE A 51 -1.56 14.13 -3.97
C ILE A 51 -0.09 13.90 -3.66
N PRO A 52 0.53 14.71 -2.80
CA PRO A 52 -0.04 15.91 -2.18
C PRO A 52 -0.12 17.05 -3.20
N PHE A 53 -1.01 18.02 -2.97
CA PHE A 53 -1.24 19.05 -3.98
C PHE A 53 -0.07 20.01 -4.07
N THR A 54 0.66 20.23 -2.97
CA THR A 54 1.83 21.08 -2.97
C THR A 54 3.10 20.35 -3.33
N ARG A 55 3.03 19.04 -3.57
CA ARG A 55 4.22 18.26 -3.89
C ARG A 55 3.79 16.95 -4.54
N PRO A 56 3.22 17.00 -5.74
CA PRO A 56 2.75 15.76 -6.39
C PRO A 56 3.89 14.80 -6.62
N ARG A 57 3.73 13.58 -6.09
CA ARG A 57 4.77 12.57 -6.23
C ARG A 57 4.95 12.18 -7.69
N ILE A 58 6.19 12.21 -8.15
CA ILE A 58 6.54 11.89 -9.54
C ILE A 58 7.53 10.75 -9.52
N PHE A 59 7.16 9.63 -10.14
CA PHE A 59 7.99 8.43 -10.18
C PHE A 59 8.55 8.25 -11.59
N MET A 60 9.79 7.76 -11.66
CA MET A 60 10.51 7.64 -12.92
C MET A 60 10.98 6.21 -13.11
N PHE A 61 10.60 5.61 -14.24
CA PHE A 61 11.10 4.32 -14.67
C PHE A 61 11.42 4.41 -16.15
N GLY A 62 12.54 3.83 -16.57
CA GLY A 62 12.91 3.87 -17.96
C GLY A 62 14.31 3.37 -18.19
N ASN A 63 14.71 3.40 -19.46
CA ASN A 63 16.02 2.90 -19.89
C ASN A 63 16.77 3.95 -20.69
N TYR A 64 16.48 5.23 -20.48
CA TYR A 64 17.24 6.28 -21.13
C TYR A 64 18.72 6.15 -20.75
N PRO A 65 19.61 6.68 -21.59
CA PRO A 65 21.05 6.57 -21.29
C PRO A 65 21.34 7.03 -19.86
N PRO A 66 22.09 6.23 -19.10
CA PRO A 66 22.33 6.62 -17.70
C PRO A 66 22.85 8.04 -17.53
N ALA A 67 23.64 8.53 -18.50
CA ALA A 67 24.12 9.90 -18.40
C ALA A 67 22.97 10.90 -18.50
N TRP A 68 21.90 10.54 -19.20
CA TRP A 68 20.75 11.43 -19.34
C TRP A 68 19.76 11.28 -18.19
N GLN A 69 19.54 10.04 -17.71
CA GLN A 69 18.65 9.85 -16.57
C GLN A 69 19.15 10.62 -15.35
N GLU A 70 20.47 10.72 -15.19
CA GLU A 70 21.03 11.47 -14.07
C GLU A 70 21.03 12.97 -14.35
N HIS A 71 21.18 13.37 -15.62
CA HIS A 71 21.07 14.79 -15.98
C HIS A 71 19.64 15.28 -15.81
N TYR A 72 18.67 14.47 -16.23
CA TYR A 72 17.27 14.86 -16.14
C TYR A 72 16.81 15.05 -14.70
N GLN A 73 17.47 14.42 -13.74
CA GLN A 73 17.10 14.54 -12.34
C GLN A 73 17.78 15.74 -11.67
N ALA A 74 19.07 15.93 -11.95
CA ALA A 74 19.79 17.03 -11.31
C ALA A 74 19.35 18.38 -11.86
N GLN A 75 19.09 18.46 -13.16
CA GLN A 75 18.67 19.71 -13.78
C GLN A 75 17.21 20.05 -13.52
N ASN A 76 16.51 19.24 -12.72
CA ASN A 76 15.12 19.51 -12.36
C ASN A 76 14.23 19.62 -13.59
N TYR A 77 14.58 18.88 -14.65
CA TYR A 77 13.83 18.95 -15.89
C TYR A 77 12.40 18.42 -15.75
N PHE A 78 12.13 17.60 -14.73
CA PHE A 78 10.78 17.07 -14.57
C PHE A 78 9.78 18.12 -14.08
N ALA A 79 10.22 19.36 -13.86
CA ALA A 79 9.32 20.43 -13.47
C ALA A 79 8.97 21.37 -14.61
N ILE A 80 9.74 21.36 -15.68
CA ILE A 80 9.50 22.21 -16.85
C ILE A 80 9.30 21.38 -18.10
N ASP A 81 9.01 20.09 -17.95
CA ASP A 81 8.89 19.19 -19.09
C ASP A 81 7.46 19.20 -19.61
N PRO A 82 7.22 19.53 -20.89
CA PRO A 82 5.85 19.46 -21.40
C PRO A 82 5.35 18.04 -21.58
N THR A 83 6.24 17.09 -21.87
CA THR A 83 5.81 15.70 -22.03
C THR A 83 5.09 15.21 -20.78
N ILE A 84 5.67 15.46 -19.61
CA ILE A 84 5.03 15.09 -18.33
C ILE A 84 4.30 16.34 -17.86
N ARG A 85 3.11 16.56 -18.42
CA ARG A 85 2.28 17.67 -18.00
C ARG A 85 0.84 17.19 -17.93
N HIS A 86 0.13 17.60 -16.88
CA HIS A 86 -1.23 17.13 -16.65
C HIS A 86 -2.24 17.75 -17.61
N CYS A 87 -1.81 18.66 -18.46
CA CYS A 87 -2.72 19.31 -19.41
C CYS A 87 -3.35 18.28 -20.34
N LEU A 88 -4.50 18.62 -20.89
CA LEU A 88 -5.20 17.74 -21.81
C LEU A 88 -4.49 17.72 -23.16
N ARG A 89 -4.22 16.52 -23.68
CA ARG A 89 -3.59 16.32 -24.96
C ARG A 89 -4.59 15.75 -25.96
N SER A 90 -4.53 16.23 -27.20
CA SER A 90 -5.45 15.78 -28.23
C SER A 90 -5.26 14.29 -28.53
N GLY A 91 -6.18 13.46 -28.05
CA GLY A 91 -6.05 12.03 -28.18
C GLY A 91 -5.04 11.41 -27.23
N ASN A 92 -4.60 12.14 -26.21
CA ASN A 92 -3.61 11.70 -25.24
C ASN A 92 -2.27 11.34 -25.89
N HIS A 93 -2.10 11.65 -27.17
CA HIS A 93 -0.90 11.32 -27.93
C HIS A 93 -0.29 12.61 -28.46
N ILE A 94 1.05 12.63 -28.55
CA ILE A 94 1.75 13.84 -28.98
C ILE A 94 3.18 13.50 -29.37
N VAL A 95 3.62 14.01 -30.51
CA VAL A 95 4.96 13.72 -31.04
C VAL A 95 5.88 14.89 -30.72
N TRP A 96 7.16 14.57 -30.52
CA TRP A 96 8.14 15.55 -30.08
C TRP A 96 8.39 16.56 -31.20
N SER A 97 8.01 17.81 -30.96
CA SER A 97 8.23 18.90 -31.90
C SER A 97 9.17 19.92 -31.28
N ASP A 98 9.89 20.64 -32.15
CA ASP A 98 10.80 21.67 -31.66
C ASP A 98 10.04 22.80 -30.97
N ASP A 99 8.85 23.14 -31.47
CA ASP A 99 8.04 24.17 -30.85
C ASP A 99 7.30 23.68 -29.61
N LEU A 100 7.22 22.36 -29.39
CA LEU A 100 6.59 21.86 -28.18
C LEU A 100 7.35 22.28 -26.94
N PHE A 101 8.66 22.49 -27.05
CA PHE A 101 9.48 22.88 -25.91
C PHE A 101 9.85 24.36 -26.00
N ALA A 102 8.86 25.23 -26.17
CA ALA A 102 9.14 26.66 -26.27
C ALA A 102 9.48 27.24 -24.91
N ASP A 103 8.64 26.97 -23.91
CA ASP A 103 8.92 27.38 -22.53
C ASP A 103 9.88 26.42 -21.83
N ALA A 104 10.62 25.61 -22.58
CA ALA A 104 11.60 24.70 -22.01
C ALA A 104 12.71 24.45 -23.03
N GLN A 105 13.25 25.54 -23.59
CA GLN A 105 14.25 25.41 -24.65
C GLN A 105 15.57 24.85 -24.13
N GLU A 106 15.82 24.89 -22.83
CA GLU A 106 17.03 24.29 -22.29
C GLU A 106 16.92 22.78 -22.22
N LEU A 107 15.72 22.26 -21.92
CA LEU A 107 15.53 20.82 -21.82
C LEU A 107 15.61 20.16 -23.20
N TRP A 108 14.96 20.75 -24.20
CA TRP A 108 14.95 20.16 -25.53
C TRP A 108 16.33 20.25 -26.18
N ASP A 109 17.04 21.36 -25.93
CA ASP A 109 18.37 21.51 -26.52
C ASP A 109 19.33 20.45 -25.99
N ASP A 110 19.27 20.18 -24.68
CA ASP A 110 20.15 19.16 -24.10
C ASP A 110 19.80 17.77 -24.62
N ALA A 111 18.51 17.47 -24.76
CA ALA A 111 18.12 16.12 -25.15
C ALA A 111 18.60 15.76 -26.54
N ARG A 112 18.78 16.76 -27.42
CA ARG A 112 19.10 16.46 -28.80
C ARG A 112 20.55 16.00 -28.96
N ASP A 113 21.47 16.55 -28.16
CA ASP A 113 22.86 16.12 -28.20
C ASP A 113 23.11 14.86 -27.38
N TYR A 114 22.08 14.35 -26.70
CA TYR A 114 22.19 13.08 -25.98
C TYR A 114 21.60 11.92 -26.77
N GLY A 115 21.21 12.14 -28.01
CA GLY A 115 20.66 11.08 -28.83
C GLY A 115 19.18 10.86 -28.67
N LEU A 116 18.42 11.91 -28.33
CA LEU A 116 16.98 11.82 -28.14
C LEU A 116 16.34 12.88 -29.04
N ARG A 117 16.32 12.61 -30.35
CA ARG A 117 15.87 13.59 -31.32
C ARG A 117 14.40 13.41 -31.71
N HIS A 118 13.93 12.17 -31.78
CA HIS A 118 12.57 11.88 -32.23
C HIS A 118 11.91 10.88 -31.30
N GLY A 119 10.62 11.10 -31.04
CA GLY A 119 9.89 10.22 -30.14
C GLY A 119 8.49 10.76 -29.91
N ALA A 120 7.73 10.03 -29.11
CA ALA A 120 6.36 10.38 -28.80
C ALA A 120 6.06 10.04 -27.36
N THR A 121 4.89 10.49 -26.88
CA THR A 121 4.49 10.29 -25.50
C THR A 121 2.98 10.13 -25.42
N HIS A 122 2.52 8.97 -24.94
CA HIS A 122 1.10 8.70 -24.76
C HIS A 122 0.79 8.66 -23.27
N SER A 123 -0.31 9.31 -22.88
CA SER A 123 -0.66 9.48 -21.48
C SER A 123 -2.00 8.82 -21.21
N CYS A 124 -1.98 7.79 -20.36
CA CYS A 124 -3.20 7.18 -19.86
C CYS A 124 -3.62 7.86 -18.56
N MET A 125 -4.72 7.41 -17.97
CA MET A 125 -5.24 8.01 -16.75
C MET A 125 -6.11 6.98 -16.05
N ALA A 126 -5.65 6.50 -14.90
CA ALA A 126 -6.44 5.57 -14.11
C ALA A 126 -7.40 6.32 -13.20
N PRO A 127 -8.51 5.68 -12.79
CA PRO A 127 -9.52 6.42 -12.01
C PRO A 127 -9.11 6.75 -10.58
N ASN A 128 -7.89 6.44 -10.15
CA ASN A 128 -7.44 6.72 -8.79
C ASN A 128 -6.39 7.83 -8.76
N GLY A 129 -6.61 8.89 -9.55
CA GLY A 129 -5.68 9.99 -9.61
C GLY A 129 -4.44 9.69 -10.43
N VAL A 130 -4.07 8.41 -10.48
CA VAL A 130 -2.87 8.00 -11.22
C VAL A 130 -2.99 8.46 -12.66
N MET A 131 -1.91 9.03 -13.18
CA MET A 131 -1.82 9.42 -14.58
C MET A 131 -0.45 8.97 -15.09
N GLY A 132 -0.44 8.00 -16.00
CA GLY A 132 0.80 7.44 -16.50
C GLY A 132 1.25 8.10 -17.79
N PHE A 133 2.57 8.22 -17.94
CA PHE A 133 3.18 8.76 -19.14
C PHE A 133 4.19 7.75 -19.68
N LEU A 134 3.98 7.30 -20.91
CA LEU A 134 4.91 6.39 -21.58
C LEU A 134 5.57 7.14 -22.73
N SER A 135 6.90 7.22 -22.68
CA SER A 135 7.67 7.91 -23.70
C SER A 135 8.58 6.91 -24.41
N VAL A 136 8.72 7.10 -25.72
CA VAL A 136 9.67 6.35 -26.53
C VAL A 136 10.50 7.35 -27.31
N ALA A 137 11.79 7.07 -27.46
CA ALA A 137 12.71 8.01 -28.08
C ALA A 137 13.67 7.25 -28.99
N ARG A 138 14.26 8.01 -29.91
CA ARG A 138 15.32 7.51 -30.78
C ARG A 138 16.12 8.72 -31.25
N SER A 139 16.98 8.52 -32.23
CA SER A 139 17.78 9.62 -32.75
C SER A 139 17.92 9.64 -34.26
N SER A 140 17.95 8.47 -34.92
CA SER A 140 18.22 8.43 -36.35
C SER A 140 16.93 8.51 -37.14
N PRO A 141 15.93 7.67 -36.88
CA PRO A 141 14.69 7.74 -37.65
C PRO A 141 13.88 8.99 -37.29
N ALA A 142 12.88 9.26 -38.13
CA ALA A 142 11.91 10.31 -37.87
C ALA A 142 10.52 9.73 -38.03
N ILE A 143 9.59 10.17 -37.19
CA ILE A 143 8.26 9.58 -37.14
C ILE A 143 7.58 9.78 -38.49
N SER A 144 7.58 8.74 -39.32
CA SER A 144 6.92 8.84 -40.62
C SER A 144 5.41 8.95 -40.43
N PRO A 145 4.73 9.78 -41.22
CA PRO A 145 3.26 9.91 -41.06
C PRO A 145 2.52 8.57 -41.12
N HIS A 146 2.85 7.71 -42.09
CA HIS A 146 2.20 6.41 -42.16
C HIS A 146 2.41 5.63 -40.85
N GLU A 147 3.50 5.89 -40.15
CA GLU A 147 3.78 5.25 -38.88
C GLU A 147 3.11 5.98 -37.72
N ARG A 148 2.67 7.23 -37.92
CA ARG A 148 2.08 7.99 -36.82
C ARG A 148 0.86 7.28 -36.24
N GLU A 149 -0.10 6.92 -37.11
CA GLU A 149 -1.33 6.32 -36.63
C GLU A 149 -1.09 4.93 -36.04
N GLU A 150 -0.22 4.15 -36.66
CA GLU A 150 0.09 2.82 -36.12
C GLU A 150 0.81 2.92 -34.79
N LEU A 151 1.61 3.98 -34.59
CA LEU A 151 2.33 4.14 -33.33
C LEU A 151 1.36 4.38 -32.17
N ARG A 152 0.39 5.27 -32.37
CA ARG A 152 -0.55 5.59 -31.29
C ARG A 152 -1.28 4.33 -30.81
N LEU A 153 -1.74 3.51 -31.74
CA LEU A 153 -2.52 2.34 -31.35
C LEU A 153 -1.68 1.35 -30.55
N ARG A 154 -0.42 1.16 -30.95
CA ARG A 154 0.44 0.20 -30.24
C ARG A 154 0.83 0.72 -28.88
N MET A 155 1.05 2.04 -28.75
CA MET A 155 1.46 2.59 -27.46
C MET A 155 0.30 2.62 -26.48
N ARG A 156 -0.91 2.89 -26.96
CA ARG A 156 -2.09 2.76 -26.10
C ARG A 156 -2.22 1.33 -25.59
N CYS A 157 -1.83 0.35 -26.41
CA CYS A 157 -1.82 -1.04 -25.94
C CYS A 157 -0.78 -1.24 -24.85
N LEU A 158 0.41 -0.65 -25.02
CA LEU A 158 1.49 -0.86 -24.07
C LEU A 158 1.19 -0.26 -22.70
N ILE A 159 0.72 1.00 -22.69
CA ILE A 159 0.45 1.68 -21.43
C ILE A 159 -0.83 1.18 -20.78
N GLU A 160 -1.76 0.62 -21.55
CA GLU A 160 -2.95 0.02 -20.97
C GLU A 160 -2.64 -1.34 -20.35
N LEU A 161 -1.69 -2.07 -20.92
CA LEU A 161 -1.26 -3.35 -20.35
C LEU A 161 -0.17 -3.17 -19.30
N LEU A 162 0.58 -2.07 -19.35
CA LEU A 162 1.43 -1.70 -18.22
C LEU A 162 0.59 -1.44 -16.99
N HIS A 163 -0.34 -0.49 -17.08
CA HIS A 163 -1.23 -0.18 -15.97
C HIS A 163 -1.85 -1.46 -15.41
N GLN A 164 -2.30 -2.36 -16.31
CA GLN A 164 -3.01 -3.56 -15.87
C GLN A 164 -2.10 -4.47 -15.06
N THR A 165 -0.87 -4.71 -15.55
CA THR A 165 0.00 -5.68 -14.88
C THR A 165 0.55 -5.14 -13.57
N LEU A 166 0.92 -3.85 -13.53
CA LEU A 166 1.47 -3.29 -12.30
C LEU A 166 0.42 -3.26 -11.19
N THR A 167 -0.78 -2.76 -11.50
CA THR A 167 -1.83 -2.72 -10.47
C THR A 167 -2.27 -4.13 -10.09
N GLU A 168 -2.17 -5.09 -11.02
CA GLU A 168 -2.47 -6.48 -10.68
C GLU A 168 -1.36 -7.07 -9.81
N LEU A 169 -0.14 -6.57 -9.94
CA LEU A 169 0.98 -7.01 -9.12
C LEU A 169 1.17 -6.15 -7.89
N ASN A 170 0.36 -5.10 -7.71
CA ASN A 170 0.44 -4.20 -6.57
C ASN A 170 1.86 -3.66 -6.39
N HIS A 171 2.30 -2.88 -7.38
CA HIS A 171 3.58 -2.19 -7.27
C HIS A 171 3.34 -0.79 -6.71
N PRO A 172 4.12 -0.35 -5.71
CA PRO A 172 3.73 0.86 -4.97
C PRO A 172 3.53 2.10 -5.81
N SER A 173 4.08 2.15 -7.03
CA SER A 173 3.96 3.36 -7.84
C SER A 173 2.51 3.60 -8.27
N LEU A 174 1.78 2.53 -8.58
CA LEU A 174 0.39 2.65 -9.01
C LEU A 174 -0.60 2.57 -7.87
N GLN A 175 -0.13 2.51 -6.62
CA GLN A 175 -0.99 2.39 -5.44
C GLN A 175 -0.79 3.63 -4.57
N PRO A 176 -1.51 4.72 -4.87
CA PRO A 176 -1.36 5.95 -4.07
C PRO A 176 -2.13 5.86 -2.76
N GLN A 177 -1.40 5.90 -1.65
CA GLN A 177 -1.96 5.91 -0.30
C GLN A 177 -3.12 4.94 -0.17
N PRO A 178 -2.84 3.66 0.08
CA PRO A 178 -3.94 2.70 0.25
C PRO A 178 -4.73 2.98 1.53
N ILE A 179 -6.05 3.09 1.39
CA ILE A 179 -6.93 3.39 2.52
C ILE A 179 -8.20 2.57 2.37
N CYS A 180 -8.51 1.76 3.38
CA CYS A 180 -9.73 0.96 3.39
C CYS A 180 -10.87 1.78 4.00
N LEU A 181 -11.96 1.89 3.26
CA LEU A 181 -13.11 2.67 3.69
C LEU A 181 -14.31 1.74 3.88
N SER A 182 -14.97 1.88 5.01
CA SER A 182 -16.16 1.07 5.26
C SER A 182 -17.37 1.65 4.53
N LYS A 183 -18.36 0.78 4.29
CA LYS A 183 -19.59 1.24 3.65
C LYS A 183 -20.21 2.40 4.41
N ARG A 184 -20.19 2.34 5.75
CA ARG A 184 -20.69 3.44 6.55
C ARG A 184 -19.70 4.60 6.61
N GLU A 185 -18.40 4.30 6.59
CA GLU A 185 -17.40 5.37 6.61
C GLU A 185 -17.31 6.09 5.28
N ARG A 186 -17.52 5.38 4.18
CA ARG A 186 -17.42 6.00 2.86
C ARG A 186 -18.58 6.95 2.60
N GLU A 187 -19.78 6.58 3.04
CA GLU A 187 -20.95 7.43 2.80
C GLU A 187 -20.97 8.64 3.72
N ILE A 188 -20.35 8.55 4.91
CA ILE A 188 -20.23 9.73 5.76
C ILE A 188 -19.34 10.77 5.10
N LEU A 189 -18.22 10.33 4.52
CA LEU A 189 -17.26 11.27 3.94
C LEU A 189 -17.83 11.94 2.70
N ARG A 190 -18.77 11.31 2.02
CA ARG A 190 -19.38 11.92 0.84
C ARG A 190 -20.09 13.22 1.21
N TRP A 191 -21.04 13.14 2.15
CA TRP A 191 -21.83 14.32 2.49
C TRP A 191 -20.98 15.40 3.13
N THR A 192 -19.89 15.01 3.81
CA THR A 192 -18.92 16.00 4.26
C THR A 192 -18.21 16.66 3.07
N ALA A 193 -17.84 15.84 2.08
CA ALA A 193 -17.22 16.38 0.87
C ALA A 193 -18.17 17.23 0.06
N ASP A 194 -19.48 17.07 0.24
CA ASP A 194 -20.48 17.90 -0.41
C ASP A 194 -20.90 19.08 0.45
N GLY A 195 -20.21 19.32 1.57
CA GLY A 195 -20.38 20.54 2.33
C GLY A 195 -21.40 20.49 3.44
N LYS A 196 -21.99 19.34 3.73
CA LYS A 196 -22.98 19.23 4.79
C LYS A 196 -22.31 18.94 6.11
N THR A 197 -22.78 19.61 7.16
CA THR A 197 -22.14 19.53 8.46
C THR A 197 -22.51 18.23 9.17
N SER A 198 -21.72 17.90 10.20
CA SER A 198 -21.93 16.65 10.92
C SER A 198 -23.32 16.60 11.53
N ALA A 199 -23.79 17.71 12.10
CA ALA A 199 -25.12 17.74 12.68
C ALA A 199 -26.18 17.44 11.63
N GLU A 200 -25.90 17.77 10.36
CA GLU A 200 -26.85 17.50 9.29
C GLU A 200 -26.70 16.09 8.75
N ILE A 201 -25.47 15.56 8.74
CA ILE A 201 -25.25 14.18 8.31
C ILE A 201 -25.80 13.19 9.32
N ALA A 202 -25.97 13.61 10.58
CA ALA A 202 -26.52 12.73 11.60
C ALA A 202 -27.93 12.27 11.25
N LYS A 203 -28.71 13.13 10.59
CA LYS A 203 -30.07 12.78 10.20
C LYS A 203 -30.10 12.05 8.86
N ILE A 204 -29.34 12.54 7.88
CA ILE A 204 -29.31 11.92 6.55
C ILE A 204 -29.10 10.41 6.68
N LEU A 205 -28.24 10.00 7.60
CA LEU A 205 -27.92 8.59 7.80
C LEU A 205 -28.60 7.99 9.02
N GLY A 206 -29.10 8.82 9.94
CA GLY A 206 -29.69 8.33 11.16
C GLY A 206 -28.70 7.57 12.02
N ILE A 207 -27.62 8.24 12.41
CA ILE A 207 -26.55 7.61 13.17
C ILE A 207 -26.10 8.53 14.30
N SER A 208 -26.82 9.63 14.51
CA SER A 208 -26.52 10.58 15.57
C SER A 208 -25.24 11.35 15.29
N GLU A 209 -25.15 12.57 15.83
CA GLU A 209 -23.99 13.42 15.57
C GLU A 209 -22.73 12.90 16.25
N SER A 210 -22.88 12.33 17.45
CA SER A 210 -21.71 11.83 18.18
C SER A 210 -21.01 10.72 17.38
N THR A 211 -21.78 9.79 16.82
CA THR A 211 -21.19 8.68 16.10
C THR A 211 -20.64 9.11 14.75
N VAL A 212 -21.21 10.15 14.14
CA VAL A 212 -20.70 10.64 12.87
C VAL A 212 -19.29 11.17 13.04
N ASN A 213 -19.06 11.94 14.11
CA ASN A 213 -17.73 12.49 14.36
C ASN A 213 -16.71 11.40 14.66
N PHE A 214 -17.16 10.29 15.25
CA PHE A 214 -16.24 9.18 15.52
C PHE A 214 -15.66 8.64 14.22
N HIS A 215 -16.50 8.41 13.22
CA HIS A 215 -16.02 7.86 11.96
C HIS A 215 -15.11 8.85 11.25
N LEU A 216 -15.48 10.14 11.25
CA LEU A 216 -14.65 11.14 10.60
C LEU A 216 -13.25 11.16 11.19
N LYS A 217 -13.15 11.22 12.52
CA LYS A 217 -11.84 11.19 13.17
C LYS A 217 -11.11 9.90 12.85
N ASN A 218 -11.83 8.77 12.81
CA ASN A 218 -11.21 7.52 12.39
C ASN A 218 -10.71 7.61 10.96
N ILE A 219 -11.42 8.34 10.10
CA ILE A 219 -10.97 8.53 8.73
C ILE A 219 -9.76 9.45 8.70
N GLN A 220 -9.77 10.50 9.53
CA GLN A 220 -8.61 11.37 9.62
C GLN A 220 -7.35 10.59 9.99
N LYS A 221 -7.50 9.59 10.87
CA LYS A 221 -6.35 8.80 11.28
C LYS A 221 -5.81 7.97 10.12
N LYS A 222 -6.68 7.48 9.25
CA LYS A 222 -6.22 6.68 8.12
C LYS A 222 -5.50 7.53 7.08
N PHE A 223 -5.92 8.78 6.93
CA PHE A 223 -5.36 9.69 5.94
C PHE A 223 -4.13 10.44 6.44
N ASN A 224 -3.70 10.19 7.69
CA ASN A 224 -2.71 11.05 8.34
C ASN A 224 -3.17 12.51 8.31
N ALA A 225 -4.50 12.72 8.39
CA ALA A 225 -5.10 14.04 8.25
C ALA A 225 -5.30 14.68 9.61
N PRO A 226 -4.79 15.90 9.84
CA PRO A 226 -5.09 16.57 11.12
C PRO A 226 -6.53 17.02 11.23
N ASN A 227 -7.15 17.41 10.11
CA ASN A 227 -8.53 17.86 10.06
C ASN A 227 -9.27 17.04 9.02
N LYS A 228 -10.57 17.30 8.88
CA LYS A 228 -11.42 16.60 7.94
C LYS A 228 -11.39 17.20 6.54
N THR A 229 -10.74 18.35 6.35
CA THR A 229 -10.68 18.95 5.02
C THR A 229 -9.61 18.30 4.16
N GLN A 230 -8.53 17.80 4.76
CA GLN A 230 -7.55 17.04 4.00
C GLN A 230 -8.09 15.65 3.64
N ALA A 231 -8.82 15.03 4.56
CA ALA A 231 -9.37 13.71 4.29
C ALA A 231 -10.35 13.74 3.13
N ALA A 232 -11.11 14.83 3.00
CA ALA A 232 -12.06 14.95 1.90
C ALA A 232 -11.34 15.26 0.58
N ALA A 233 -10.32 16.11 0.62
CA ALA A 233 -9.61 16.48 -0.59
C ALA A 233 -8.81 15.31 -1.15
N TYR A 234 -8.11 14.57 -0.29
CA TYR A 234 -7.38 13.39 -0.75
C TYR A 234 -8.33 12.35 -1.33
N ALA A 235 -9.44 12.08 -0.64
CA ALA A 235 -10.38 11.08 -1.12
C ALA A 235 -11.01 11.48 -2.46
N ALA A 236 -11.22 12.79 -2.67
CA ALA A 236 -11.82 13.23 -3.91
C ALA A 236 -10.85 13.08 -5.08
N ALA A 237 -9.56 13.32 -4.85
CA ALA A 237 -8.58 13.22 -5.92
C ALA A 237 -8.26 11.78 -6.28
N LEU A 238 -8.35 10.86 -5.32
CA LEU A 238 -8.05 9.46 -5.55
C LEU A 238 -9.25 8.65 -6.02
N GLY A 239 -10.38 9.32 -6.30
CA GLY A 239 -11.55 8.59 -6.74
C GLY A 239 -12.07 7.59 -5.73
N LEU A 240 -11.67 7.71 -4.47
CA LEU A 240 -12.15 6.82 -3.42
C LEU A 240 -13.55 7.17 -2.95
N ILE A 241 -14.23 8.11 -3.61
CA ILE A 241 -15.49 8.61 -3.12
C ILE A 241 -16.38 9.07 -4.28
N GLY B 6 -5.55 -6.31 -40.41
CA GLY B 6 -6.97 -6.09 -40.58
C GLY B 6 -7.54 -5.08 -39.58
N PHE B 7 -7.13 -5.20 -38.32
CA PHE B 7 -7.61 -4.28 -37.30
C PHE B 7 -7.13 -2.86 -37.59
N LEU B 8 -5.82 -2.68 -37.77
CA LEU B 8 -5.27 -1.36 -38.01
C LEU B 8 -5.95 -0.69 -39.20
N ASP B 9 -6.40 -1.47 -40.18
CA ASP B 9 -7.15 -0.90 -41.29
C ASP B 9 -8.46 -0.31 -40.81
N TRP B 10 -9.24 -1.08 -40.06
CA TRP B 10 -10.55 -0.62 -39.60
C TRP B 10 -10.43 0.62 -38.72
N TRP B 11 -9.39 0.67 -37.89
CA TRP B 11 -9.21 1.80 -36.99
C TRP B 11 -8.98 3.09 -37.77
N GLU B 12 -8.08 3.05 -38.77
CA GLU B 12 -7.83 4.23 -39.58
C GLU B 12 -9.07 4.64 -40.37
N ASP B 13 -9.85 3.65 -40.82
CA ASP B 13 -11.08 3.96 -41.54
C ASP B 13 -12.07 4.68 -40.63
N LEU B 14 -12.35 4.10 -39.47
CA LEU B 14 -13.25 4.75 -38.51
C LEU B 14 -12.69 6.09 -38.07
N ARG B 15 -11.37 6.19 -37.93
CA ARG B 15 -10.75 7.44 -37.52
C ARG B 15 -10.99 8.54 -38.55
N SER B 16 -10.84 8.22 -39.83
CA SER B 16 -11.00 9.24 -40.87
C SER B 16 -12.45 9.65 -41.04
N GLU B 17 -13.37 8.68 -41.07
CA GLU B 17 -14.78 9.01 -41.21
C GLU B 17 -15.28 9.84 -40.02
N MET B 18 -14.67 9.65 -38.85
CA MET B 18 -15.08 10.38 -37.66
C MET B 18 -14.61 11.84 -37.69
N GLN B 19 -13.67 12.18 -38.57
CA GLN B 19 -13.13 13.53 -38.61
C GLN B 19 -14.15 14.57 -39.06
N SER B 20 -15.32 14.15 -39.53
CA SER B 20 -16.35 15.08 -40.01
C SER B 20 -17.03 15.71 -38.80
N ILE B 21 -16.51 16.86 -38.38
CA ILE B 21 -17.06 17.62 -37.26
C ILE B 21 -18.15 18.53 -37.83
N THR B 22 -19.39 18.07 -37.77
CA THR B 22 -20.53 18.85 -38.27
C THR B 22 -21.61 18.94 -37.20
N ASP B 23 -22.11 17.80 -36.75
CA ASP B 23 -23.15 17.76 -35.74
C ASP B 23 -22.94 16.53 -34.86
N SER B 24 -23.39 16.63 -33.62
CA SER B 24 -23.27 15.50 -32.70
C SER B 24 -24.26 14.38 -33.03
N GLN B 25 -25.35 14.70 -33.73
CA GLN B 25 -26.32 13.66 -34.08
C GLN B 25 -25.70 12.65 -35.03
N GLU B 26 -24.90 13.11 -35.99
CA GLU B 26 -24.24 12.18 -36.90
C GLU B 26 -23.19 11.34 -36.18
N VAL B 27 -22.63 11.86 -35.08
CA VAL B 27 -21.62 11.11 -34.34
C VAL B 27 -22.26 9.89 -33.68
N PHE B 28 -23.36 10.11 -32.95
CA PHE B 28 -24.04 9.00 -32.30
C PHE B 28 -24.66 8.03 -33.29
N ALA B 29 -24.81 8.44 -34.56
CA ALA B 29 -25.36 7.56 -35.57
C ALA B 29 -24.31 6.58 -36.07
N VAL B 30 -23.12 7.07 -36.40
CA VAL B 30 -22.07 6.18 -36.89
C VAL B 30 -21.60 5.24 -35.78
N LEU B 31 -21.61 5.70 -34.53
CA LEU B 31 -21.34 4.79 -33.42
C LEU B 31 -22.35 3.65 -33.40
N GLU B 32 -23.61 3.96 -33.73
CA GLU B 32 -24.63 2.93 -33.76
C GLU B 32 -24.31 1.88 -34.83
N LYS B 33 -23.84 2.31 -36.00
CA LYS B 33 -23.51 1.37 -37.05
C LYS B 33 -22.29 0.52 -36.69
N GLU B 34 -21.39 1.06 -35.86
CA GLU B 34 -20.23 0.29 -35.45
C GLU B 34 -20.61 -0.78 -34.43
N VAL B 35 -21.54 -0.46 -33.53
CA VAL B 35 -22.03 -1.46 -32.59
C VAL B 35 -22.75 -2.57 -33.33
N ARG B 36 -23.52 -2.22 -34.36
CA ARG B 36 -24.15 -3.24 -35.19
C ARG B 36 -23.09 -4.11 -35.85
N ARG B 37 -22.01 -3.50 -36.33
CA ARG B 37 -20.90 -4.27 -36.88
C ARG B 37 -20.24 -5.13 -35.81
N LEU B 38 -20.31 -4.71 -34.54
CA LEU B 38 -19.81 -5.53 -33.45
C LEU B 38 -20.71 -6.73 -33.16
N GLY B 39 -21.92 -6.75 -33.72
CA GLY B 39 -22.83 -7.85 -33.48
C GLY B 39 -23.74 -7.68 -32.28
N PHE B 40 -24.06 -6.45 -31.92
CA PHE B 40 -24.91 -6.18 -30.77
C PHE B 40 -26.12 -5.35 -31.19
N ASP B 41 -27.16 -5.41 -30.36
CA ASP B 41 -28.44 -4.80 -30.70
C ASP B 41 -28.61 -3.42 -30.10
N TYR B 42 -28.11 -3.18 -28.88
CA TYR B 42 -28.32 -1.93 -28.18
C TYR B 42 -26.99 -1.41 -27.64
N TYR B 43 -26.97 -0.11 -27.36
CA TYR B 43 -25.81 0.53 -26.77
C TYR B 43 -26.27 1.68 -25.88
N ALA B 44 -25.36 2.20 -25.07
CA ALA B 44 -25.68 3.32 -24.18
C ALA B 44 -24.38 3.98 -23.76
N TYR B 45 -24.26 5.28 -24.02
CA TYR B 45 -23.11 6.07 -23.61
C TYR B 45 -23.51 6.98 -22.45
N CYS B 46 -22.62 7.08 -21.47
CA CYS B 46 -22.88 7.86 -20.27
C CYS B 46 -21.65 8.70 -19.95
N VAL B 47 -21.87 9.99 -19.76
CA VAL B 47 -20.83 10.92 -19.34
C VAL B 47 -21.00 11.16 -17.85
N ARG B 48 -19.92 10.99 -17.09
CA ARG B 48 -19.95 11.08 -15.64
C ARG B 48 -18.99 12.18 -15.18
N HIS B 49 -19.52 13.14 -14.44
CA HIS B 49 -18.72 14.16 -13.78
C HIS B 49 -18.52 13.80 -12.32
N PRO B 50 -17.37 14.15 -11.72
CA PRO B 50 -17.06 13.64 -10.38
C PRO B 50 -17.90 14.24 -9.27
N ILE B 51 -18.43 15.44 -9.44
CA ILE B 51 -19.23 16.08 -8.41
C ILE B 51 -20.65 16.29 -8.91
N PRO B 52 -21.67 16.32 -8.02
CA PRO B 52 -21.60 16.04 -6.59
C PRO B 52 -21.30 14.56 -6.30
N PHE B 53 -20.66 14.26 -5.19
CA PHE B 53 -20.27 12.89 -4.90
C PHE B 53 -21.46 12.01 -4.54
N THR B 54 -22.56 12.59 -4.06
CA THR B 54 -23.76 11.84 -3.72
C THR B 54 -24.74 11.72 -4.89
N ARG B 55 -24.59 12.55 -5.92
CA ARG B 55 -25.44 12.50 -7.11
C ARG B 55 -24.67 13.06 -8.28
N PRO B 56 -23.76 12.28 -8.85
CA PRO B 56 -22.95 12.79 -9.97
C PRO B 56 -23.81 13.25 -11.14
N ARG B 57 -23.40 14.35 -11.75
CA ARG B 57 -24.08 14.87 -12.94
C ARG B 57 -23.84 13.92 -14.10
N ILE B 58 -24.88 13.22 -14.53
CA ILE B 58 -24.78 12.19 -15.55
C ILE B 58 -25.60 12.61 -16.77
N PHE B 59 -24.98 12.59 -17.94
CA PHE B 59 -25.66 12.84 -19.20
C PHE B 59 -25.83 11.50 -19.92
N MET B 60 -27.05 11.24 -20.39
CA MET B 60 -27.42 9.94 -20.93
C MET B 60 -27.66 10.04 -22.43
N PHE B 61 -26.91 9.25 -23.18
CA PHE B 61 -27.12 9.07 -24.61
C PHE B 61 -27.14 7.59 -24.92
N GLY B 62 -27.94 7.20 -25.89
CA GLY B 62 -28.00 5.81 -26.29
C GLY B 62 -29.31 5.49 -26.96
N ASN B 63 -29.38 4.25 -27.47
CA ASN B 63 -30.55 3.73 -28.17
C ASN B 63 -31.28 2.66 -27.36
N TYR B 64 -31.08 2.64 -26.04
CA TYR B 64 -31.82 1.71 -25.20
C TYR B 64 -33.32 1.97 -25.36
N PRO B 65 -34.15 0.96 -25.13
CA PRO B 65 -35.60 1.18 -25.16
C PRO B 65 -35.99 2.35 -24.29
N PRO B 66 -36.69 3.35 -24.83
CA PRO B 66 -37.04 4.53 -24.02
C PRO B 66 -37.73 4.17 -22.72
N ALA B 67 -38.64 3.19 -22.72
CA ALA B 67 -39.29 2.80 -21.49
C ALA B 67 -38.29 2.21 -20.50
N TRP B 68 -37.21 1.59 -21.00
CA TRP B 68 -36.19 1.06 -20.11
C TRP B 68 -35.31 2.17 -19.57
N GLN B 69 -34.93 3.14 -20.41
CA GLN B 69 -34.13 4.26 -19.93
C GLN B 69 -34.89 5.08 -18.89
N GLU B 70 -36.22 5.09 -18.97
CA GLU B 70 -37.02 5.76 -17.94
C GLU B 70 -37.08 4.93 -16.66
N HIS B 71 -37.38 3.64 -16.78
CA HIS B 71 -37.38 2.76 -15.61
C HIS B 71 -36.00 2.67 -15.00
N TYR B 72 -34.95 2.67 -15.84
CA TYR B 72 -33.58 2.67 -15.35
C TYR B 72 -33.24 3.96 -14.61
N GLN B 73 -33.90 5.07 -14.96
CA GLN B 73 -33.65 6.34 -14.31
C GLN B 73 -34.61 6.62 -13.17
N ALA B 74 -35.88 6.20 -13.31
CA ALA B 74 -36.86 6.43 -12.25
C ALA B 74 -36.44 5.73 -10.97
N GLN B 75 -36.03 4.46 -11.07
CA GLN B 75 -35.61 3.69 -9.91
C GLN B 75 -34.21 4.06 -9.44
N ASN B 76 -33.55 5.01 -10.10
CA ASN B 76 -32.24 5.49 -9.69
C ASN B 76 -31.22 4.34 -9.66
N TYR B 77 -31.29 3.45 -10.65
CA TYR B 77 -30.32 2.37 -10.74
C TYR B 77 -28.93 2.88 -11.08
N PHE B 78 -28.82 4.10 -11.61
CA PHE B 78 -27.52 4.65 -12.00
C PHE B 78 -26.60 4.88 -10.82
N ALA B 79 -27.03 4.59 -9.59
CA ALA B 79 -26.18 4.74 -8.42
C ALA B 79 -25.76 3.41 -7.79
N ILE B 80 -26.42 2.31 -8.13
CA ILE B 80 -26.12 1.02 -7.52
C ILE B 80 -25.89 -0.05 -8.58
N ASP B 81 -25.74 0.35 -9.83
CA ASP B 81 -25.50 -0.63 -10.88
C ASP B 81 -24.01 -0.96 -10.98
N PRO B 82 -23.63 -2.24 -11.04
CA PRO B 82 -22.20 -2.57 -11.10
C PRO B 82 -21.58 -2.37 -12.48
N THR B 83 -22.39 -2.20 -13.52
CA THR B 83 -21.83 -1.99 -14.86
C THR B 83 -20.97 -0.75 -14.92
N ILE B 84 -21.29 0.28 -14.14
CA ILE B 84 -20.47 1.48 -14.01
C ILE B 84 -19.78 1.43 -12.66
N ARG B 85 -18.47 1.70 -12.65
CA ARG B 85 -17.71 1.69 -11.41
C ARG B 85 -16.38 2.41 -11.65
N HIS B 86 -16.23 3.58 -11.03
CA HIS B 86 -14.98 4.33 -11.09
C HIS B 86 -13.96 3.82 -10.08
N CYS B 87 -13.83 2.50 -9.98
CA CYS B 87 -12.96 1.88 -8.98
C CYS B 87 -12.73 0.44 -9.40
N LEU B 88 -11.63 -0.13 -8.90
CA LEU B 88 -11.29 -1.53 -9.14
C LEU B 88 -11.47 -1.88 -10.61
N ARG B 89 -11.04 -0.97 -11.49
CA ARG B 89 -11.17 -1.18 -12.93
C ARG B 89 -10.42 -2.43 -13.37
N SER B 90 -11.08 -3.59 -13.26
CA SER B 90 -10.50 -4.84 -13.72
C SER B 90 -10.28 -4.80 -15.23
N GLY B 91 -9.11 -4.33 -15.66
CA GLY B 91 -8.85 -4.16 -17.07
C GLY B 91 -9.72 -3.11 -17.75
N ASN B 92 -10.46 -2.33 -16.97
CA ASN B 92 -11.41 -1.33 -17.47
C ASN B 92 -12.50 -1.95 -18.32
N HIS B 93 -12.65 -3.27 -18.30
CA HIS B 93 -13.67 -3.99 -19.04
C HIS B 93 -14.46 -4.87 -18.09
N ILE B 94 -15.76 -4.98 -18.32
CA ILE B 94 -16.65 -5.76 -17.47
C ILE B 94 -17.65 -6.50 -18.35
N VAL B 95 -17.29 -7.70 -18.80
CA VAL B 95 -18.20 -8.51 -19.59
C VAL B 95 -19.33 -8.97 -18.67
N TRP B 96 -20.49 -8.31 -18.77
CA TRP B 96 -21.61 -8.55 -17.84
C TRP B 96 -21.76 -10.03 -17.54
N SER B 97 -21.50 -10.41 -16.29
CA SER B 97 -21.53 -11.79 -15.87
C SER B 97 -22.79 -12.05 -15.04
N ASP B 98 -23.40 -13.21 -15.24
CA ASP B 98 -24.54 -13.59 -14.42
C ASP B 98 -24.23 -13.49 -12.93
N ASP B 99 -22.94 -13.51 -12.56
CA ASP B 99 -22.53 -13.33 -11.19
C ASP B 99 -22.16 -11.89 -10.85
N LEU B 100 -21.82 -11.07 -11.85
CA LEU B 100 -21.50 -9.67 -11.59
C LEU B 100 -22.59 -9.01 -10.77
N PHE B 101 -23.85 -9.30 -11.08
CA PHE B 101 -24.99 -8.77 -10.32
C PHE B 101 -25.31 -9.71 -9.15
N ALA B 102 -24.32 -9.88 -8.29
CA ALA B 102 -24.42 -10.80 -7.16
C ALA B 102 -25.53 -10.37 -6.21
N ASP B 103 -25.35 -9.22 -5.55
CA ASP B 103 -26.31 -8.68 -4.62
C ASP B 103 -26.97 -7.43 -5.22
N ALA B 104 -28.16 -7.12 -4.70
CA ALA B 104 -28.93 -5.98 -5.18
C ALA B 104 -29.12 -6.03 -6.70
N GLN B 105 -29.52 -7.21 -7.17
CA GLN B 105 -29.68 -7.46 -8.61
C GLN B 105 -31.12 -7.26 -9.08
N GLU B 106 -31.84 -6.31 -8.48
CA GLU B 106 -33.21 -6.04 -8.92
C GLU B 106 -33.25 -5.51 -10.35
N LEU B 107 -32.24 -4.73 -10.75
CA LEU B 107 -32.17 -4.22 -12.10
C LEU B 107 -31.74 -5.29 -13.11
N TRP B 108 -31.19 -6.42 -12.63
CA TRP B 108 -30.85 -7.51 -13.54
C TRP B 108 -32.11 -8.22 -14.05
N ASP B 109 -33.19 -8.17 -13.28
CA ASP B 109 -34.46 -8.70 -13.76
C ASP B 109 -35.09 -7.76 -14.79
N ASP B 110 -35.10 -6.46 -14.49
CA ASP B 110 -35.65 -5.50 -15.45
C ASP B 110 -34.85 -5.51 -16.74
N ALA B 111 -33.53 -5.63 -16.65
CA ALA B 111 -32.70 -5.57 -17.85
C ALA B 111 -33.00 -6.71 -18.80
N ARG B 112 -33.07 -7.94 -18.28
CA ARG B 112 -33.32 -9.09 -19.14
C ARG B 112 -34.76 -9.15 -19.63
N ASP B 113 -35.69 -8.53 -18.91
CA ASP B 113 -37.08 -8.50 -19.39
C ASP B 113 -37.23 -7.56 -20.58
N TYR B 114 -36.42 -6.51 -20.66
CA TYR B 114 -36.47 -5.60 -21.80
C TYR B 114 -35.62 -6.09 -22.97
N GLY B 115 -34.98 -7.25 -22.86
CA GLY B 115 -34.24 -7.84 -23.94
C GLY B 115 -32.75 -7.62 -23.92
N LEU B 116 -32.13 -7.50 -22.74
CA LEU B 116 -30.70 -7.27 -22.59
C LEU B 116 -30.12 -8.44 -21.80
N ARG B 117 -29.91 -9.57 -22.49
CA ARG B 117 -29.44 -10.77 -21.82
C ARG B 117 -27.91 -10.77 -21.67
N HIS B 118 -27.19 -10.32 -22.70
CA HIS B 118 -25.74 -10.37 -22.71
C HIS B 118 -25.19 -9.01 -23.13
N GLY B 119 -23.97 -8.72 -22.70
CA GLY B 119 -23.34 -7.48 -23.07
C GLY B 119 -22.03 -7.26 -22.34
N ALA B 120 -21.48 -6.07 -22.51
CA ALA B 120 -20.22 -5.67 -21.89
C ALA B 120 -20.18 -4.15 -21.80
N THR B 121 -19.32 -3.65 -20.91
CA THR B 121 -19.20 -2.22 -20.67
C THR B 121 -17.73 -1.84 -20.50
N HIS B 122 -17.35 -0.71 -21.08
CA HIS B 122 -15.98 -0.20 -21.01
C HIS B 122 -16.00 1.25 -20.55
N SER B 123 -15.01 1.63 -19.75
CA SER B 123 -14.93 2.95 -19.15
C SER B 123 -13.59 3.59 -19.46
N CYS B 124 -13.57 4.92 -19.41
CA CYS B 124 -12.35 5.69 -19.64
C CYS B 124 -12.39 6.94 -18.78
N MET B 125 -11.21 7.45 -18.45
CA MET B 125 -11.05 8.61 -17.59
C MET B 125 -10.26 9.69 -18.31
N ALA B 126 -10.74 10.96 -18.20
CA ALA B 126 -10.07 12.10 -18.79
C ALA B 126 -9.31 12.90 -17.73
N PRO B 127 -8.15 13.48 -18.07
CA PRO B 127 -7.37 14.22 -17.07
C PRO B 127 -8.15 15.27 -16.30
N ASN B 128 -9.31 15.71 -16.81
CA ASN B 128 -10.11 16.73 -16.16
C ASN B 128 -11.21 16.14 -15.28
N GLY B 129 -11.06 14.88 -14.84
CA GLY B 129 -12.00 14.26 -13.96
C GLY B 129 -13.23 13.66 -14.62
N VAL B 130 -13.60 14.13 -15.80
CA VAL B 130 -14.79 13.61 -16.47
C VAL B 130 -14.52 12.20 -16.98
N MET B 131 -15.48 11.31 -16.77
CA MET B 131 -15.33 9.89 -17.05
C MET B 131 -16.49 9.43 -17.93
N GLY B 132 -16.17 8.66 -18.96
CA GLY B 132 -17.17 8.17 -19.90
C GLY B 132 -17.35 6.67 -19.76
N PHE B 133 -18.57 6.20 -20.02
CA PHE B 133 -18.92 4.79 -19.94
C PHE B 133 -19.61 4.38 -21.24
N LEU B 134 -19.19 3.25 -21.80
CA LEU B 134 -19.74 2.74 -23.05
C LEU B 134 -20.19 1.29 -22.85
N SER B 135 -21.38 0.97 -23.35
CA SER B 135 -21.95 -0.37 -23.23
C SER B 135 -22.61 -0.79 -24.53
N VAL B 136 -22.53 -2.09 -24.81
CA VAL B 136 -23.20 -2.71 -25.96
C VAL B 136 -23.98 -3.91 -25.44
N ALA B 137 -25.19 -4.10 -25.96
CA ALA B 137 -26.09 -5.13 -25.45
C ALA B 137 -26.76 -5.87 -26.58
N ARG B 138 -27.11 -7.12 -26.30
CA ARG B 138 -27.85 -7.98 -27.22
C ARG B 138 -28.56 -9.03 -26.39
N SER B 139 -29.29 -9.92 -27.06
CA SER B 139 -29.99 -10.99 -26.36
C SER B 139 -29.94 -12.33 -27.08
N SER B 140 -29.35 -12.42 -28.27
CA SER B 140 -29.45 -13.66 -29.03
C SER B 140 -28.32 -14.62 -28.66
N PRO B 141 -27.04 -14.19 -28.69
CA PRO B 141 -25.97 -15.14 -28.35
C PRO B 141 -25.24 -14.76 -27.07
N ALA B 142 -24.38 -15.67 -26.60
CA ALA B 142 -23.48 -15.36 -25.50
C ALA B 142 -22.13 -14.91 -26.05
N ILE B 143 -21.29 -14.39 -25.17
CA ILE B 143 -20.00 -13.83 -25.55
C ILE B 143 -18.94 -14.92 -25.44
N SER B 144 -18.28 -15.22 -26.56
CA SER B 144 -17.21 -16.20 -26.56
C SER B 144 -15.92 -15.59 -26.05
N PRO B 145 -15.07 -16.37 -25.37
CA PRO B 145 -13.83 -15.79 -24.82
C PRO B 145 -12.89 -15.26 -25.89
N HIS B 146 -12.81 -15.90 -27.06
CA HIS B 146 -11.86 -15.46 -28.08
C HIS B 146 -12.30 -14.16 -28.74
N GLU B 147 -13.60 -13.98 -28.94
CA GLU B 147 -14.11 -12.69 -29.37
C GLU B 147 -14.16 -11.68 -28.23
N ARG B 148 -14.16 -12.15 -26.98
CA ARG B 148 -14.11 -11.23 -25.84
C ARG B 148 -12.77 -10.50 -25.80
N GLU B 149 -11.67 -11.21 -25.99
CA GLU B 149 -10.37 -10.55 -26.11
C GLU B 149 -10.36 -9.60 -27.30
N GLU B 150 -11.07 -9.95 -28.37
CA GLU B 150 -11.21 -9.03 -29.50
C GLU B 150 -12.12 -7.87 -29.15
N LEU B 151 -13.05 -8.07 -28.21
CA LEU B 151 -13.96 -6.98 -27.82
C LEU B 151 -13.25 -5.92 -27.02
N ARG B 152 -12.25 -6.30 -26.23
CA ARG B 152 -11.54 -5.32 -25.40
C ARG B 152 -10.90 -4.24 -26.26
N LEU B 153 -10.40 -4.61 -27.42
CA LEU B 153 -9.69 -3.63 -28.26
C LEU B 153 -10.68 -2.80 -29.10
N ARG B 154 -11.69 -3.44 -29.68
CA ARG B 154 -12.63 -2.71 -30.52
C ARG B 154 -13.44 -1.72 -29.70
N MET B 155 -13.70 -2.02 -28.43
CA MET B 155 -14.50 -1.13 -27.59
C MET B 155 -13.63 -0.02 -26.98
N ARG B 156 -12.43 -0.37 -26.52
CA ARG B 156 -11.53 0.65 -26.00
C ARG B 156 -11.19 1.68 -27.09
N CYS B 157 -11.08 1.23 -28.33
CA CYS B 157 -10.83 2.15 -29.43
C CYS B 157 -12.01 3.09 -29.64
N LEU B 158 -13.23 2.65 -29.31
CA LEU B 158 -14.41 3.44 -29.59
C LEU B 158 -14.62 4.52 -28.54
N ILE B 159 -14.60 4.15 -27.26
CA ILE B 159 -14.77 5.15 -26.21
C ILE B 159 -13.58 6.11 -26.18
N GLU B 160 -12.41 5.65 -26.63
CA GLU B 160 -11.27 6.55 -26.76
C GLU B 160 -11.47 7.51 -27.93
N LEU B 161 -12.09 7.03 -29.01
CA LEU B 161 -12.42 7.86 -30.16
C LEU B 161 -13.72 8.63 -29.97
N LEU B 162 -14.53 8.28 -28.97
CA LEU B 162 -15.75 9.03 -28.70
C LEU B 162 -15.43 10.27 -27.85
N HIS B 163 -14.63 10.11 -26.81
CA HIS B 163 -14.14 11.27 -26.06
C HIS B 163 -13.33 12.18 -26.97
N GLN B 164 -12.46 11.60 -27.79
CA GLN B 164 -11.64 12.39 -28.70
C GLN B 164 -12.51 13.22 -29.66
N THR B 165 -13.57 12.61 -30.20
CA THR B 165 -14.43 13.31 -31.14
C THR B 165 -15.24 14.40 -30.45
N LEU B 166 -15.94 14.03 -29.37
CA LEU B 166 -16.80 15.00 -28.69
C LEU B 166 -15.99 16.13 -28.08
N THR B 167 -14.73 15.88 -27.72
CA THR B 167 -13.87 16.96 -27.26
C THR B 167 -13.43 17.85 -28.41
N GLU B 168 -13.29 17.28 -29.61
CA GLU B 168 -13.00 18.11 -30.78
C GLU B 168 -14.22 18.92 -31.18
N LEU B 169 -15.41 18.32 -31.08
CA LEU B 169 -16.65 19.04 -31.33
C LEU B 169 -17.04 19.97 -30.17
N ASN B 170 -16.39 19.82 -29.02
CA ASN B 170 -16.68 20.65 -27.84
C ASN B 170 -18.14 20.50 -27.43
N HIS B 171 -18.56 19.26 -27.23
CA HIS B 171 -19.93 19.00 -26.81
C HIS B 171 -20.12 19.46 -25.37
N PRO B 172 -21.23 20.13 -25.05
CA PRO B 172 -21.36 20.75 -23.73
C PRO B 172 -21.47 19.75 -22.57
N SER B 173 -21.84 18.49 -22.83
CA SER B 173 -21.97 17.54 -21.74
C SER B 173 -20.61 17.17 -21.14
N LEU B 174 -19.53 17.30 -21.92
CA LEU B 174 -18.18 16.95 -21.48
C LEU B 174 -17.47 18.11 -20.80
N GLN B 175 -18.20 19.13 -20.35
CA GLN B 175 -17.60 20.32 -19.78
C GLN B 175 -17.92 20.41 -18.29
N PRO B 176 -16.96 20.26 -17.39
CA PRO B 176 -17.24 20.49 -15.96
C PRO B 176 -17.51 21.96 -15.69
N GLN B 177 -18.01 22.22 -14.49
CA GLN B 177 -18.39 23.58 -14.13
C GLN B 177 -17.19 24.51 -14.29
N PRO B 178 -17.40 25.73 -14.83
CA PRO B 178 -16.28 26.66 -15.04
C PRO B 178 -15.90 27.42 -13.78
N ILE B 179 -15.48 26.68 -12.76
CA ILE B 179 -15.11 27.27 -11.47
C ILE B 179 -13.60 27.42 -11.41
N CYS B 180 -13.08 28.45 -12.05
CA CYS B 180 -11.65 28.70 -12.10
C CYS B 180 -11.22 29.55 -10.91
N LEU B 181 -9.98 29.32 -10.46
CA LEU B 181 -9.43 29.98 -9.29
C LEU B 181 -8.35 30.97 -9.73
N SER B 182 -8.02 31.90 -8.83
CA SER B 182 -6.95 32.85 -9.09
C SER B 182 -5.60 32.22 -8.74
N LYS B 183 -4.53 32.98 -8.95
CA LYS B 183 -3.19 32.46 -8.69
C LYS B 183 -2.99 32.25 -7.19
N ARG B 184 -3.12 33.31 -6.39
CA ARG B 184 -3.01 33.16 -4.95
C ARG B 184 -4.12 32.29 -4.39
N GLU B 185 -5.31 32.35 -4.99
CA GLU B 185 -6.41 31.50 -4.56
C GLU B 185 -6.06 30.02 -4.74
N ARG B 186 -5.19 29.72 -5.70
CA ARG B 186 -4.75 28.34 -5.91
C ARG B 186 -3.74 27.92 -4.85
N GLU B 187 -2.73 28.76 -4.61
CA GLU B 187 -1.71 28.43 -3.62
C GLU B 187 -2.35 28.22 -2.25
N ILE B 188 -3.38 28.99 -1.93
CA ILE B 188 -4.01 28.86 -0.61
C ILE B 188 -4.91 27.64 -0.56
N LEU B 189 -5.60 27.32 -1.66
CA LEU B 189 -6.45 26.14 -1.67
C LEU B 189 -5.63 24.86 -1.58
N ARG B 190 -4.46 24.84 -2.24
CA ARG B 190 -3.58 23.67 -2.12
C ARG B 190 -3.20 23.42 -0.67
N TRP B 191 -2.81 24.48 0.04
CA TRP B 191 -2.38 24.32 1.43
C TRP B 191 -3.55 23.90 2.32
N THR B 192 -4.70 24.58 2.18
CA THR B 192 -5.87 24.21 2.97
C THR B 192 -6.27 22.76 2.70
N ALA B 193 -6.17 22.32 1.45
CA ALA B 193 -6.50 20.95 1.11
C ALA B 193 -5.49 19.95 1.63
N ASP B 194 -4.25 20.39 1.88
CA ASP B 194 -3.22 19.52 2.40
C ASP B 194 -3.25 19.42 3.92
N GLY B 195 -4.32 19.89 4.56
CA GLY B 195 -4.58 19.64 5.95
C GLY B 195 -4.28 20.77 6.90
N LYS B 196 -3.43 21.71 6.51
CA LYS B 196 -2.97 22.72 7.45
C LYS B 196 -3.97 23.87 7.57
N THR B 197 -3.97 24.50 8.74
CA THR B 197 -4.95 25.53 9.06
C THR B 197 -4.59 26.86 8.41
N SER B 198 -5.53 27.79 8.48
CA SER B 198 -5.29 29.14 7.96
C SER B 198 -4.17 29.84 8.71
N ALA B 199 -4.04 29.56 10.01
CA ALA B 199 -3.02 30.23 10.81
C ALA B 199 -1.61 29.87 10.35
N GLU B 200 -1.42 28.64 9.87
CA GLU B 200 -0.09 28.23 9.41
C GLU B 200 0.19 28.69 7.99
N ILE B 201 -0.83 28.74 7.13
CA ILE B 201 -0.65 29.32 5.80
C ILE B 201 -0.26 30.78 5.92
N ALA B 202 -0.78 31.48 6.94
CA ALA B 202 -0.34 32.84 7.21
C ALA B 202 1.15 32.89 7.46
N LYS B 203 1.73 31.81 7.99
CA LYS B 203 3.17 31.75 8.23
C LYS B 203 3.92 31.34 6.97
N ILE B 204 3.36 30.41 6.20
CA ILE B 204 4.00 30.00 4.94
C ILE B 204 4.17 31.20 4.02
N LEU B 205 3.08 31.92 3.76
CA LEU B 205 3.15 33.19 3.08
C LEU B 205 3.34 34.31 4.11
N GLY B 206 3.47 35.54 3.62
CA GLY B 206 3.63 36.68 4.49
C GLY B 206 2.32 37.42 4.67
N ILE B 207 1.27 36.67 4.94
CA ILE B 207 -0.10 37.16 4.87
C ILE B 207 -0.77 36.94 6.22
N SER B 208 -1.76 37.77 6.52
CA SER B 208 -2.46 37.70 7.80
C SER B 208 -3.50 36.58 7.78
N GLU B 209 -3.86 36.13 8.99
CA GLU B 209 -4.88 35.10 9.10
C GLU B 209 -6.24 35.58 8.61
N SER B 210 -6.56 36.85 8.87
CA SER B 210 -7.82 37.40 8.38
C SER B 210 -7.87 37.42 6.86
N THR B 211 -6.72 37.64 6.21
CA THR B 211 -6.70 37.65 4.74
C THR B 211 -6.70 36.24 4.16
N VAL B 212 -6.15 35.27 4.90
CA VAL B 212 -6.19 33.88 4.45
C VAL B 212 -7.62 33.36 4.51
N ASN B 213 -8.32 33.63 5.61
CA ASN B 213 -9.71 33.22 5.73
C ASN B 213 -10.62 34.04 4.84
N PHE B 214 -10.16 35.21 4.37
CA PHE B 214 -10.96 36.03 3.47
C PHE B 214 -11.05 35.38 2.08
N HIS B 215 -9.94 34.84 1.59
CA HIS B 215 -9.99 34.13 0.31
C HIS B 215 -10.79 32.86 0.43
N LEU B 216 -10.69 32.16 1.56
CA LEU B 216 -11.48 30.95 1.76
C LEU B 216 -12.97 31.23 1.64
N LYS B 217 -13.40 32.45 1.97
CA LYS B 217 -14.81 32.80 1.80
C LYS B 217 -15.15 33.00 0.33
N ASN B 218 -14.28 33.66 -0.43
CA ASN B 218 -14.53 33.89 -1.84
C ASN B 218 -14.29 32.65 -2.70
N ILE B 219 -13.48 31.72 -2.21
CA ILE B 219 -13.27 30.48 -2.95
C ILE B 219 -14.53 29.64 -2.92
N GLN B 220 -15.13 29.47 -1.75
CA GLN B 220 -16.33 28.67 -1.63
C GLN B 220 -17.56 29.39 -2.20
N LYS B 221 -17.50 30.72 -2.30
CA LYS B 221 -18.58 31.43 -2.99
C LYS B 221 -18.65 31.05 -4.45
N LYS B 222 -17.51 30.77 -5.07
CA LYS B 222 -17.51 30.31 -6.46
C LYS B 222 -18.07 28.90 -6.56
N PHE B 223 -17.72 28.03 -5.61
CA PHE B 223 -18.28 26.68 -5.56
C PHE B 223 -19.68 26.65 -4.99
N ASN B 224 -20.19 27.77 -4.47
CA ASN B 224 -21.48 27.80 -3.78
C ASN B 224 -21.49 26.84 -2.60
N ALA B 225 -20.35 26.69 -1.94
CA ALA B 225 -20.16 25.77 -0.83
C ALA B 225 -20.35 26.49 0.50
N PRO B 226 -20.93 25.84 1.50
CA PRO B 226 -21.14 26.51 2.80
C PRO B 226 -19.90 26.52 3.68
N ASN B 227 -19.01 25.55 3.49
CA ASN B 227 -17.80 25.45 4.31
C ASN B 227 -16.58 25.33 3.41
N LYS B 228 -15.41 25.21 4.06
CA LYS B 228 -14.16 25.08 3.32
C LYS B 228 -13.90 23.64 2.87
N THR B 229 -14.59 22.67 3.48
CA THR B 229 -14.31 21.27 3.19
C THR B 229 -14.82 20.88 1.81
N GLN B 230 -15.99 21.39 1.41
CA GLN B 230 -16.49 21.10 0.08
C GLN B 230 -15.67 21.79 -0.99
N ALA B 231 -15.22 23.01 -0.72
CA ALA B 231 -14.44 23.75 -1.70
C ALA B 231 -13.19 22.99 -2.11
N ALA B 232 -12.39 22.56 -1.13
CA ALA B 232 -11.20 21.78 -1.43
C ALA B 232 -11.55 20.46 -2.11
N ALA B 233 -12.61 19.80 -1.64
CA ALA B 233 -13.00 18.52 -2.22
C ALA B 233 -13.47 18.68 -3.67
N TYR B 234 -14.18 19.77 -3.96
CA TYR B 234 -14.68 19.98 -5.32
C TYR B 234 -13.55 20.39 -6.27
N ALA B 235 -12.64 21.26 -5.81
CA ALA B 235 -11.52 21.66 -6.65
C ALA B 235 -10.63 20.47 -6.99
N ALA B 236 -10.40 19.58 -6.02
CA ALA B 236 -9.55 18.43 -6.25
C ALA B 236 -10.14 17.51 -7.32
N ALA B 237 -11.46 17.31 -7.29
CA ALA B 237 -12.09 16.44 -8.27
C ALA B 237 -11.98 17.02 -9.67
N LEU B 238 -12.08 18.34 -9.80
CA LEU B 238 -11.95 19.00 -11.09
C LEU B 238 -10.50 19.20 -11.51
N GLY B 239 -9.54 18.69 -10.74
CA GLY B 239 -8.14 18.83 -11.09
C GLY B 239 -7.59 20.22 -10.95
N LEU B 240 -8.30 21.11 -10.27
CA LEU B 240 -7.86 22.50 -10.13
C LEU B 240 -6.77 22.68 -9.09
N ILE B 241 -6.49 21.68 -8.27
CA ILE B 241 -5.46 21.79 -7.25
C ILE B 241 -4.59 20.53 -7.25
N GLY C 5 -6.95 -33.56 23.96
CA GLY C 5 -6.29 -32.55 23.14
C GLY C 5 -7.26 -31.70 22.35
N GLY C 6 -8.32 -31.24 23.01
CA GLY C 6 -9.32 -30.40 22.36
C GLY C 6 -8.85 -29.01 22.03
N PHE C 7 -7.67 -28.61 22.49
CA PHE C 7 -7.14 -27.29 22.16
C PHE C 7 -6.80 -27.18 20.68
N LEU C 8 -5.98 -28.13 20.19
CA LEU C 8 -5.61 -28.11 18.77
C LEU C 8 -6.84 -28.19 17.88
N ASP C 9 -7.86 -28.95 18.29
CA ASP C 9 -9.10 -29.00 17.54
C ASP C 9 -9.70 -27.61 17.37
N TRP C 10 -9.67 -26.80 18.44
CA TRP C 10 -10.23 -25.45 18.36
C TRP C 10 -9.46 -24.59 17.39
N TRP C 11 -8.14 -24.77 17.32
CA TRP C 11 -7.33 -23.96 16.43
C TRP C 11 -7.59 -24.31 14.97
N GLU C 12 -7.66 -25.61 14.66
CA GLU C 12 -7.93 -26.00 13.28
C GLU C 12 -9.30 -25.51 12.82
N ASP C 13 -10.29 -25.52 13.71
CA ASP C 13 -11.59 -24.96 13.37
C ASP C 13 -11.47 -23.46 13.10
N LEU C 14 -10.81 -22.74 14.02
CA LEU C 14 -10.66 -21.29 13.88
C LEU C 14 -9.93 -20.94 12.59
N ARG C 15 -8.86 -21.68 12.28
CA ARG C 15 -8.10 -21.41 11.06
C ARG C 15 -8.95 -21.65 9.82
N SER C 16 -9.71 -22.75 9.79
CA SER C 16 -10.52 -23.07 8.64
C SER C 16 -11.55 -21.98 8.37
N GLU C 17 -12.09 -21.38 9.43
CA GLU C 17 -13.06 -20.31 9.26
C GLU C 17 -12.43 -19.06 8.67
N MET C 18 -11.16 -18.81 8.97
CA MET C 18 -10.51 -17.58 8.52
C MET C 18 -10.15 -17.62 7.04
N GLN C 19 -9.86 -18.81 6.50
CA GLN C 19 -9.49 -18.92 5.09
C GLN C 19 -10.68 -18.71 4.15
N SER C 20 -11.92 -18.74 4.67
CA SER C 20 -13.11 -18.65 3.84
C SER C 20 -13.63 -17.23 3.71
N ILE C 21 -13.18 -16.30 4.56
CA ILE C 21 -13.70 -14.94 4.50
C ILE C 21 -13.16 -14.22 3.26
N THR C 22 -13.86 -13.16 2.87
CA THR C 22 -13.48 -12.36 1.72
C THR C 22 -13.45 -10.86 1.98
N ASP C 23 -14.15 -10.37 3.00
CA ASP C 23 -14.24 -8.95 3.30
C ASP C 23 -13.54 -8.64 4.62
N SER C 24 -13.02 -7.42 4.73
CA SER C 24 -12.37 -7.00 5.96
C SER C 24 -13.36 -6.95 7.12
N GLN C 25 -14.61 -6.60 6.85
CA GLN C 25 -15.61 -6.54 7.91
C GLN C 25 -15.98 -7.93 8.40
N GLU C 26 -15.83 -8.96 7.56
CA GLU C 26 -16.20 -10.31 7.97
C GLU C 26 -15.21 -10.89 8.96
N VAL C 27 -13.96 -10.42 8.94
CA VAL C 27 -12.96 -10.94 9.87
C VAL C 27 -13.31 -10.52 11.30
N PHE C 28 -13.49 -9.21 11.52
CA PHE C 28 -13.75 -8.73 12.87
C PHE C 28 -15.08 -9.25 13.40
N ALA C 29 -16.03 -9.55 12.52
CA ALA C 29 -17.27 -10.18 12.97
C ALA C 29 -17.03 -11.61 13.42
N VAL C 30 -16.08 -12.31 12.79
CA VAL C 30 -15.78 -13.68 13.21
C VAL C 30 -14.99 -13.69 14.51
N LEU C 31 -14.13 -12.68 14.71
CA LEU C 31 -13.36 -12.59 15.95
C LEU C 31 -14.28 -12.30 17.14
N GLU C 32 -15.29 -11.44 16.93
CA GLU C 32 -16.16 -11.04 18.03
C GLU C 32 -16.83 -12.25 18.68
N LYS C 33 -17.21 -13.25 17.87
CA LYS C 33 -17.82 -14.45 18.45
C LYS C 33 -16.77 -15.31 19.15
N GLU C 34 -15.55 -15.34 18.61
CA GLU C 34 -14.48 -16.13 19.22
C GLU C 34 -14.11 -15.59 20.59
N VAL C 35 -14.24 -14.27 20.80
CA VAL C 35 -13.95 -13.68 22.09
C VAL C 35 -15.01 -14.06 23.12
N ARG C 36 -16.27 -14.22 22.69
CA ARG C 36 -17.31 -14.63 23.62
C ARG C 36 -17.05 -16.03 24.16
N ARG C 37 -16.47 -16.91 23.34
CA ARG C 37 -16.11 -18.24 23.82
C ARG C 37 -15.14 -18.15 25.00
N LEU C 38 -14.25 -17.16 24.98
CA LEU C 38 -13.31 -16.97 26.08
C LEU C 38 -13.97 -16.51 27.36
N GLY C 39 -15.27 -16.25 27.34
CA GLY C 39 -15.94 -15.64 28.47
C GLY C 39 -15.88 -14.13 28.49
N PHE C 40 -15.20 -13.52 27.52
CA PHE C 40 -15.04 -12.07 27.45
C PHE C 40 -16.01 -11.51 26.44
N ASP C 41 -16.56 -10.32 26.75
CA ASP C 41 -17.63 -9.75 25.96
C ASP C 41 -17.14 -8.80 24.88
N TYR C 42 -16.10 -8.02 25.17
CA TYR C 42 -15.60 -7.00 24.26
C TYR C 42 -14.13 -7.25 23.96
N TYR C 43 -13.69 -6.75 22.80
CA TYR C 43 -12.31 -6.84 22.38
C TYR C 43 -11.95 -5.57 21.63
N ALA C 44 -10.68 -5.47 21.26
CA ALA C 44 -10.20 -4.34 20.47
C ALA C 44 -8.79 -4.62 19.97
N TYR C 45 -8.63 -4.79 18.66
CA TYR C 45 -7.33 -5.03 18.05
C TYR C 45 -6.79 -3.70 17.52
N CYS C 46 -5.61 -3.30 18.02
CA CYS C 46 -5.01 -2.03 17.69
C CYS C 46 -3.68 -2.25 16.98
N VAL C 47 -3.50 -1.59 15.84
CA VAL C 47 -2.29 -1.69 15.03
C VAL C 47 -1.40 -0.49 15.34
N ARG C 48 -0.14 -0.75 15.66
CA ARG C 48 0.83 0.29 15.99
C ARG C 48 1.94 0.30 14.95
N HIS C 49 2.06 1.41 14.24
CA HIS C 49 3.09 1.54 13.24
C HIS C 49 4.43 1.90 13.89
N PRO C 50 5.55 1.54 13.25
CA PRO C 50 6.85 1.90 13.81
C PRO C 50 7.23 3.34 13.55
N ILE C 51 6.68 3.92 12.48
CA ILE C 51 7.00 5.29 12.08
C ILE C 51 5.69 6.08 11.94
N PRO C 52 5.70 7.40 12.16
CA PRO C 52 6.83 8.22 12.64
C PRO C 52 7.26 7.84 14.06
N PHE C 53 8.41 8.34 14.51
CA PHE C 53 8.94 7.95 15.80
C PHE C 53 8.34 8.75 16.94
N THR C 54 7.92 9.99 16.68
CA THR C 54 7.29 10.83 17.69
C THR C 54 5.77 10.79 17.64
N ARG C 55 5.18 10.31 16.55
CA ARG C 55 3.73 10.18 16.43
C ARG C 55 3.42 8.89 15.68
N PRO C 56 3.69 7.74 16.29
CA PRO C 56 3.46 6.46 15.62
C PRO C 56 2.00 6.31 15.19
N ARG C 57 1.80 5.88 13.95
CA ARG C 57 0.44 5.72 13.43
C ARG C 57 -0.28 4.62 14.18
N ILE C 58 -1.43 4.95 14.77
CA ILE C 58 -2.20 4.04 15.60
C ILE C 58 -3.60 3.90 14.99
N PHE C 59 -4.03 2.65 14.79
CA PHE C 59 -5.37 2.35 14.32
C PHE C 59 -6.07 1.48 15.35
N MET C 60 -7.34 1.80 15.62
CA MET C 60 -8.11 1.15 16.67
C MET C 60 -9.39 0.56 16.07
N PHE C 61 -9.40 -0.76 15.89
CA PHE C 61 -10.59 -1.51 15.54
C PHE C 61 -11.04 -2.33 16.75
N GLY C 62 -12.32 -2.62 16.81
CA GLY C 62 -12.83 -3.42 17.91
C GLY C 62 -14.34 -3.27 18.04
N ASN C 63 -14.87 -3.97 19.05
CA ASN C 63 -16.30 -3.97 19.33
C ASN C 63 -16.62 -3.45 20.73
N TYR C 64 -15.73 -2.64 21.31
CA TYR C 64 -16.00 -2.03 22.60
C TYR C 64 -17.33 -1.28 22.52
N PRO C 65 -18.01 -1.09 23.64
CA PRO C 65 -19.25 -0.31 23.62
C PRO C 65 -19.00 1.05 22.98
N PRO C 66 -19.90 1.51 22.12
CA PRO C 66 -19.60 2.74 21.35
C PRO C 66 -19.17 3.90 22.24
N ALA C 67 -19.91 4.17 23.33
CA ALA C 67 -19.58 5.30 24.18
C ALA C 67 -18.13 5.27 24.63
N TRP C 68 -17.56 4.08 24.85
CA TRP C 68 -16.16 4.00 25.24
C TRP C 68 -15.25 4.32 24.05
N GLN C 69 -15.61 3.85 22.86
CA GLN C 69 -14.84 4.23 21.67
C GLN C 69 -15.02 5.71 21.36
N GLU C 70 -16.19 6.28 21.66
CA GLU C 70 -16.35 7.72 21.56
C GLU C 70 -15.47 8.44 22.58
N HIS C 71 -15.41 7.91 23.80
CA HIS C 71 -14.67 8.55 24.88
C HIS C 71 -13.16 8.33 24.75
N TYR C 72 -12.74 7.19 24.21
CA TYR C 72 -11.31 6.95 24.05
C TYR C 72 -10.67 8.01 23.16
N GLN C 73 -11.29 8.31 22.02
CA GLN C 73 -10.71 9.27 21.08
C GLN C 73 -10.56 10.64 21.73
N ALA C 74 -11.68 11.23 22.16
CA ALA C 74 -11.67 12.60 22.66
C ALA C 74 -10.54 12.83 23.66
N GLN C 75 -10.43 11.97 24.66
CA GLN C 75 -9.46 12.17 25.73
C GLN C 75 -8.04 11.77 25.32
N ASN C 76 -7.84 11.43 24.04
CA ASN C 76 -6.51 11.14 23.52
C ASN C 76 -5.74 10.18 24.43
N TYR C 77 -6.45 9.16 24.92
CA TYR C 77 -5.82 8.20 25.83
C TYR C 77 -4.73 7.40 25.16
N PHE C 78 -4.70 7.36 23.82
CA PHE C 78 -3.68 6.58 23.11
C PHE C 78 -2.26 7.06 23.42
N ALA C 79 -2.09 8.20 24.08
CA ALA C 79 -0.78 8.71 24.43
C ALA C 79 -0.35 8.33 25.85
N ILE C 80 -1.30 8.01 26.73
CA ILE C 80 -1.01 7.65 28.11
C ILE C 80 -1.50 6.25 28.46
N ASP C 81 -1.99 5.50 27.48
CA ASP C 81 -2.52 4.17 27.74
C ASP C 81 -1.38 3.19 28.00
N PRO C 82 -1.33 2.53 29.16
CA PRO C 82 -0.22 1.61 29.42
C PRO C 82 -0.26 0.33 28.61
N THR C 83 -1.45 -0.12 28.20
CA THR C 83 -1.54 -1.37 27.45
C THR C 83 -0.76 -1.28 26.14
N ILE C 84 -0.86 -0.15 25.45
CA ILE C 84 -0.23 0.04 24.15
C ILE C 84 0.99 0.96 24.24
N ARG C 85 1.50 1.21 25.43
CA ARG C 85 2.64 2.10 25.60
C ARG C 85 3.95 1.35 25.34
N SER C 90 8.51 -8.79 23.03
CA SER C 90 7.62 -9.24 21.97
C SER C 90 6.27 -9.68 22.55
N GLY C 91 6.13 -10.98 22.79
CA GLY C 91 4.89 -11.52 23.34
C GLY C 91 4.75 -11.30 24.83
N ASN C 92 4.23 -10.14 25.22
CA ASN C 92 4.10 -9.74 26.62
C ASN C 92 2.62 -9.75 26.98
N HIS C 93 2.15 -10.86 27.52
CA HIS C 93 0.76 -10.99 27.97
C HIS C 93 0.61 -10.31 29.32
N ILE C 94 0.03 -9.11 29.34
CA ILE C 94 -0.14 -8.32 30.55
C ILE C 94 -1.63 -8.30 30.89
N VAL C 95 -1.95 -8.62 32.15
CA VAL C 95 -3.33 -8.64 32.64
C VAL C 95 -3.62 -7.32 33.34
N TRP C 96 -4.84 -6.82 33.16
CA TRP C 96 -5.20 -5.52 33.70
C TRP C 96 -5.20 -5.55 35.22
N SER C 97 -4.49 -4.60 35.82
CA SER C 97 -4.42 -4.46 37.27
C SER C 97 -4.39 -2.98 37.63
N ASP C 98 -4.64 -2.69 38.90
CA ASP C 98 -4.64 -1.30 39.36
C ASP C 98 -3.23 -0.71 39.34
N ASP C 99 -2.24 -1.50 39.76
CA ASP C 99 -0.86 -1.03 39.72
C ASP C 99 -0.42 -0.72 38.30
N LEU C 100 -0.95 -1.44 37.32
CA LEU C 100 -0.58 -1.20 35.92
C LEU C 100 -0.97 0.20 35.48
N PHE C 101 -2.00 0.79 36.11
CA PHE C 101 -2.48 2.12 35.74
C PHE C 101 -2.10 3.14 36.81
N ALA C 102 -0.81 3.23 37.14
CA ALA C 102 -0.36 4.21 38.11
C ALA C 102 -0.25 5.60 37.48
N ASP C 103 0.50 5.71 36.39
CA ASP C 103 0.62 6.97 35.66
C ASP C 103 -0.61 7.27 34.81
N ALA C 104 -1.65 6.45 34.90
CA ALA C 104 -2.87 6.64 34.12
C ALA C 104 -4.09 6.34 34.99
N GLN C 105 -4.09 6.89 36.21
CA GLN C 105 -5.18 6.61 37.13
C GLN C 105 -6.51 7.15 36.61
N GLU C 106 -6.47 8.19 35.77
CA GLU C 106 -7.70 8.73 35.20
C GLU C 106 -8.25 7.85 34.09
N LEU C 107 -7.37 7.14 33.38
CA LEU C 107 -7.82 6.24 32.33
C LEU C 107 -8.53 5.03 32.92
N TRP C 108 -7.97 4.42 33.95
CA TRP C 108 -8.56 3.22 34.53
C TRP C 108 -9.86 3.54 35.25
N ASP C 109 -9.97 4.72 35.84
CA ASP C 109 -11.16 5.04 36.62
C ASP C 109 -12.40 5.07 35.74
N ASP C 110 -12.36 5.79 34.62
CA ASP C 110 -13.51 5.85 33.74
C ASP C 110 -13.62 4.63 32.84
N ALA C 111 -12.50 3.93 32.57
CA ALA C 111 -12.58 2.68 31.83
C ALA C 111 -13.25 1.60 32.66
N ARG C 112 -13.02 1.59 33.98
CA ARG C 112 -13.73 0.67 34.85
C ARG C 112 -15.19 1.11 35.03
N ASP C 113 -15.48 2.40 34.86
CA ASP C 113 -16.86 2.85 34.96
C ASP C 113 -17.73 2.31 33.85
N TYR C 114 -17.12 2.04 32.69
CA TYR C 114 -17.83 1.47 31.54
C TYR C 114 -17.98 -0.04 31.62
N GLY C 115 -17.70 -0.65 32.76
CA GLY C 115 -17.84 -2.09 32.89
C GLY C 115 -16.68 -2.89 32.32
N LEU C 116 -15.46 -2.35 32.38
CA LEU C 116 -14.29 -3.07 31.92
C LEU C 116 -13.34 -3.31 33.08
N ARG C 117 -13.85 -3.91 34.16
CA ARG C 117 -13.08 -4.05 35.38
C ARG C 117 -11.98 -5.10 35.24
N HIS C 118 -12.25 -6.16 34.49
CA HIS C 118 -11.31 -7.26 34.33
C HIS C 118 -11.05 -7.47 32.85
N GLY C 119 -9.78 -7.49 32.47
CA GLY C 119 -9.42 -7.69 31.08
C GLY C 119 -7.94 -7.94 30.96
N ALA C 120 -7.49 -8.11 29.72
CA ALA C 120 -6.09 -8.37 29.43
C ALA C 120 -5.71 -7.69 28.13
N THR C 121 -4.43 -7.81 27.75
CA THR C 121 -3.93 -7.20 26.52
C THR C 121 -2.65 -7.93 26.13
N HIS C 122 -2.68 -8.69 25.05
CA HIS C 122 -1.52 -9.41 24.55
C HIS C 122 -0.86 -8.63 23.41
N SER C 123 0.43 -8.86 23.22
CA SER C 123 1.22 -8.15 22.23
C SER C 123 1.94 -9.13 21.32
N CYS C 124 2.21 -8.67 20.09
CA CYS C 124 2.97 -9.46 19.12
C CYS C 124 3.49 -8.51 18.05
N MET C 125 4.78 -8.61 17.74
CA MET C 125 5.45 -7.68 16.84
C MET C 125 5.71 -8.35 15.50
N ALA C 126 5.25 -7.70 14.42
CA ALA C 126 5.45 -8.20 13.08
C ALA C 126 6.83 -7.81 12.55
N PRO C 127 7.33 -8.51 11.53
CA PRO C 127 8.66 -8.17 11.00
C PRO C 127 8.74 -6.78 10.40
N ASN C 128 7.61 -6.21 9.97
CA ASN C 128 7.58 -4.88 9.36
C ASN C 128 7.38 -3.78 10.38
N GLY C 129 7.83 -3.98 11.62
CA GLY C 129 7.72 -2.96 12.65
C GLY C 129 6.35 -2.88 13.29
N VAL C 130 5.31 -3.20 12.53
CA VAL C 130 3.95 -3.15 13.05
C VAL C 130 3.83 -4.08 14.26
N MET C 131 3.32 -3.53 15.36
CA MET C 131 3.08 -4.29 16.58
C MET C 131 1.57 -4.35 16.83
N GLY C 132 1.06 -5.55 17.07
CA GLY C 132 -0.36 -5.76 17.28
C GLY C 132 -0.70 -5.91 18.74
N PHE C 133 -1.86 -5.36 19.13
CA PHE C 133 -2.36 -5.41 20.50
C PHE C 133 -3.82 -5.86 20.46
N LEU C 134 -4.13 -6.89 21.25
CA LEU C 134 -5.49 -7.41 21.37
C LEU C 134 -5.89 -7.40 22.84
N SER C 135 -6.93 -6.61 23.16
CA SER C 135 -7.38 -6.43 24.53
C SER C 135 -8.77 -7.04 24.68
N VAL C 136 -8.89 -8.04 25.54
CA VAL C 136 -10.18 -8.61 25.90
C VAL C 136 -10.63 -7.98 27.22
N ALA C 137 -11.95 -7.95 27.43
CA ALA C 137 -12.49 -7.25 28.59
C ALA C 137 -13.77 -7.93 29.05
N ARG C 138 -13.99 -7.88 30.36
CA ARG C 138 -15.18 -8.44 30.99
C ARG C 138 -15.80 -7.35 31.87
N SER C 139 -16.68 -7.76 32.78
CA SER C 139 -17.33 -6.81 33.69
C SER C 139 -17.33 -7.35 35.12
N SER C 140 -17.69 -8.62 35.29
CA SER C 140 -17.89 -9.18 36.62
C SER C 140 -16.84 -10.24 36.97
N PRO C 141 -16.84 -11.39 36.29
CA PRO C 141 -15.89 -12.45 36.68
C PRO C 141 -14.46 -12.06 36.35
N ALA C 142 -13.57 -12.27 37.33
CA ALA C 142 -12.18 -11.83 37.25
C ALA C 142 -11.33 -12.89 36.54
N ILE C 143 -10.03 -12.60 36.44
CA ILE C 143 -9.09 -13.45 35.73
C ILE C 143 -8.34 -14.29 36.75
N SER C 144 -8.65 -15.58 36.81
CA SER C 144 -8.00 -16.49 37.74
C SER C 144 -6.58 -16.80 37.27
N PRO C 145 -5.72 -17.29 38.17
CA PRO C 145 -4.35 -17.62 37.76
C PRO C 145 -4.29 -18.62 36.63
N HIS C 146 -5.13 -19.67 36.66
CA HIS C 146 -5.19 -20.58 35.52
C HIS C 146 -5.62 -19.84 34.27
N GLU C 147 -6.67 -19.02 34.39
CA GLU C 147 -7.08 -18.19 33.27
C GLU C 147 -5.96 -17.27 32.82
N ARG C 148 -5.10 -16.84 33.75
CA ARG C 148 -3.98 -15.98 33.38
C ARG C 148 -3.08 -16.68 32.36
N GLU C 149 -2.84 -17.98 32.54
CA GLU C 149 -2.03 -18.75 31.61
C GLU C 149 -2.85 -19.29 30.44
N GLU C 150 -4.09 -19.72 30.70
CA GLU C 150 -4.95 -20.20 29.61
C GLU C 150 -5.24 -19.07 28.63
N LEU C 151 -5.44 -17.85 29.13
CA LEU C 151 -5.67 -16.71 28.24
C LEU C 151 -4.41 -16.36 27.47
N ARG C 152 -3.23 -16.57 28.07
CA ARG C 152 -1.98 -16.27 27.39
C ARG C 152 -1.85 -17.10 26.11
N LEU C 153 -2.12 -18.40 26.20
CA LEU C 153 -1.92 -19.27 25.06
C LEU C 153 -2.99 -19.04 23.98
N ARG C 154 -4.24 -18.83 24.40
CA ARG C 154 -5.33 -18.73 23.44
C ARG C 154 -5.30 -17.42 22.67
N MET C 155 -4.84 -16.34 23.31
CA MET C 155 -4.87 -15.04 22.66
C MET C 155 -3.75 -14.87 21.63
N ARG C 156 -2.59 -15.47 21.88
CA ARG C 156 -1.49 -15.36 20.93
C ARG C 156 -1.88 -15.94 19.58
N CYS C 157 -2.64 -17.03 19.58
CA CYS C 157 -3.09 -17.63 18.33
C CYS C 157 -4.09 -16.73 17.60
N LEU C 158 -4.87 -15.94 18.34
CA LEU C 158 -5.75 -14.98 17.72
C LEU C 158 -4.96 -13.84 17.09
N ILE C 159 -3.91 -13.36 17.78
CA ILE C 159 -3.19 -12.19 17.31
C ILE C 159 -2.28 -12.53 16.14
N GLU C 160 -1.77 -13.76 16.06
CA GLU C 160 -0.93 -14.15 14.93
C GLU C 160 -1.72 -14.64 13.74
N LEU C 161 -2.96 -15.09 13.96
CA LEU C 161 -3.84 -15.36 12.83
C LEU C 161 -4.49 -14.09 12.31
N LEU C 162 -4.47 -13.00 13.08
CA LEU C 162 -4.93 -11.72 12.59
C LEU C 162 -3.86 -11.06 11.71
N HIS C 163 -2.61 -11.05 12.16
CA HIS C 163 -1.52 -10.60 11.30
C HIS C 163 -1.49 -11.40 10.00
N GLN C 164 -1.68 -12.72 10.10
CA GLN C 164 -1.62 -13.57 8.91
C GLN C 164 -2.78 -13.26 7.96
N THR C 165 -3.99 -13.23 8.50
CA THR C 165 -5.16 -13.08 7.64
C THR C 165 -5.25 -11.67 7.06
N LEU C 166 -5.04 -10.64 7.89
CA LEU C 166 -5.19 -9.26 7.41
C LEU C 166 -4.10 -8.89 6.41
N THR C 167 -2.90 -9.46 6.55
CA THR C 167 -1.88 -9.25 5.53
C THR C 167 -2.17 -10.07 4.28
N GLU C 168 -2.88 -11.20 4.42
CA GLU C 168 -3.32 -11.95 3.25
C GLU C 168 -4.41 -11.18 2.51
N LEU C 169 -5.35 -10.59 3.24
CA LEU C 169 -6.35 -9.73 2.63
C LEU C 169 -5.78 -8.38 2.20
N ASN C 170 -4.53 -8.09 2.56
CA ASN C 170 -3.85 -6.86 2.16
C ASN C 170 -4.60 -5.63 2.68
N HIS C 171 -4.71 -5.54 4.01
CA HIS C 171 -5.31 -4.36 4.63
C HIS C 171 -4.24 -3.29 4.80
N PRO C 172 -4.49 -2.04 4.38
CA PRO C 172 -3.45 -1.01 4.52
C PRO C 172 -2.98 -0.79 5.94
N SER C 173 -3.74 -1.22 6.94
CA SER C 173 -3.35 -0.95 8.33
C SER C 173 -1.99 -1.54 8.65
N LEU C 174 -1.71 -2.75 8.14
CA LEU C 174 -0.45 -3.43 8.39
C LEU C 174 0.58 -3.19 7.30
N GLN C 175 0.38 -2.18 6.45
CA GLN C 175 1.27 -1.88 5.33
C GLN C 175 1.78 -0.46 5.48
N PRO C 176 2.85 -0.24 6.26
CA PRO C 176 3.42 1.11 6.38
C PRO C 176 4.26 1.45 5.16
N GLN C 177 4.05 2.65 4.62
CA GLN C 177 4.79 3.18 3.48
C GLN C 177 5.13 2.07 2.48
N PRO C 178 4.18 1.64 1.64
CA PRO C 178 4.52 0.66 0.60
C PRO C 178 5.61 1.18 -0.31
N ILE C 179 6.80 0.55 -0.26
CA ILE C 179 7.96 1.03 -0.99
C ILE C 179 8.70 -0.16 -1.56
N CYS C 180 9.09 -0.06 -2.84
CA CYS C 180 9.82 -1.11 -3.54
C CYS C 180 11.18 -0.57 -3.95
N LEU C 181 12.22 -0.97 -3.22
CA LEU C 181 13.58 -0.61 -3.59
C LEU C 181 14.15 -1.61 -4.58
N SER C 182 15.06 -1.13 -5.42
CA SER C 182 15.73 -2.00 -6.36
C SER C 182 16.89 -2.74 -5.68
N LYS C 183 17.46 -3.70 -6.40
CA LYS C 183 18.55 -4.49 -5.83
C LYS C 183 19.73 -3.60 -5.48
N ARG C 184 20.00 -2.57 -6.29
CA ARG C 184 21.08 -1.64 -6.02
C ARG C 184 20.64 -0.41 -5.25
N GLU C 185 19.35 -0.07 -5.28
CA GLU C 185 18.85 0.95 -4.37
C GLU C 185 18.82 0.42 -2.94
N ARG C 186 18.41 -0.84 -2.77
CA ARG C 186 18.50 -1.48 -1.46
C ARG C 186 19.95 -1.63 -1.02
N GLU C 187 20.80 -2.11 -1.93
CA GLU C 187 22.22 -2.27 -1.61
C GLU C 187 22.83 -0.94 -1.18
N ILE C 188 22.57 0.12 -1.94
CA ILE C 188 23.09 1.44 -1.58
C ILE C 188 22.56 1.86 -0.21
N LEU C 189 21.25 1.73 -0.01
CA LEU C 189 20.65 2.17 1.24
C LEU C 189 21.22 1.41 2.43
N ARG C 190 21.49 0.11 2.26
CA ARG C 190 22.15 -0.65 3.31
C ARG C 190 23.53 -0.08 3.61
N TRP C 191 24.31 0.21 2.57
CA TRP C 191 25.67 0.70 2.77
C TRP C 191 25.66 2.09 3.40
N THR C 192 24.84 3.00 2.87
CA THR C 192 24.79 4.34 3.45
C THR C 192 24.19 4.32 4.85
N ALA C 193 23.21 3.43 5.10
CA ALA C 193 22.70 3.26 6.45
C ALA C 193 23.74 2.65 7.37
N ASP C 194 24.71 1.93 6.81
CA ASP C 194 25.84 1.42 7.59
C ASP C 194 26.91 2.47 7.83
N GLY C 195 26.71 3.69 7.32
CA GLY C 195 27.61 4.79 7.58
C GLY C 195 28.56 5.12 6.45
N LYS C 196 28.80 4.19 5.53
CA LYS C 196 29.75 4.44 4.45
C LYS C 196 29.33 5.67 3.66
N THR C 197 30.31 6.53 3.38
CA THR C 197 30.04 7.77 2.68
C THR C 197 29.67 7.50 1.22
N SER C 198 28.87 8.41 0.66
CA SER C 198 28.47 8.27 -0.75
C SER C 198 29.69 8.17 -1.65
N ALA C 199 30.73 8.94 -1.35
CA ALA C 199 31.97 8.84 -2.13
C ALA C 199 32.56 7.44 -2.02
N GLU C 200 32.53 6.85 -0.83
CA GLU C 200 33.11 5.52 -0.63
C GLU C 200 32.19 4.42 -1.15
N ILE C 201 30.87 4.62 -1.09
CA ILE C 201 29.95 3.62 -1.62
C ILE C 201 30.24 3.35 -3.09
N ALA C 202 30.61 4.39 -3.84
CA ALA C 202 30.94 4.20 -5.24
C ALA C 202 32.21 3.37 -5.41
N LYS C 203 33.16 3.48 -4.49
CA LYS C 203 34.39 2.72 -4.61
C LYS C 203 34.16 1.24 -4.32
N ILE C 204 33.32 0.91 -3.34
CA ILE C 204 33.12 -0.48 -2.98
C ILE C 204 32.16 -1.16 -3.94
N LEU C 205 31.22 -0.40 -4.53
CA LEU C 205 30.28 -0.99 -5.46
C LEU C 205 30.84 -1.08 -6.87
N GLY C 206 31.67 -0.13 -7.26
CA GLY C 206 32.23 -0.12 -8.60
C GLY C 206 31.44 0.70 -9.60
N ILE C 207 30.78 1.76 -9.15
CA ILE C 207 29.98 2.63 -10.01
C ILE C 207 30.46 4.06 -9.82
N SER C 208 29.78 4.99 -10.49
CA SER C 208 30.14 6.40 -10.39
C SER C 208 29.52 7.02 -9.14
N GLU C 209 30.12 8.12 -8.68
CA GLU C 209 29.58 8.85 -7.54
C GLU C 209 28.20 9.40 -7.88
N SER C 210 28.03 9.90 -9.10
CA SER C 210 26.74 10.47 -9.48
C SER C 210 25.64 9.41 -9.49
N THR C 211 25.98 8.17 -9.87
CA THR C 211 25.00 7.10 -9.84
C THR C 211 24.55 6.81 -8.42
N VAL C 212 25.49 6.85 -7.47
CA VAL C 212 25.12 6.65 -6.06
C VAL C 212 24.14 7.72 -5.62
N ASN C 213 24.45 8.99 -5.90
CA ASN C 213 23.56 10.08 -5.53
C ASN C 213 22.25 10.02 -6.31
N PHE C 214 22.28 9.51 -7.54
CA PHE C 214 21.06 9.39 -8.33
C PHE C 214 20.02 8.53 -7.59
N HIS C 215 20.45 7.35 -7.13
CA HIS C 215 19.53 6.46 -6.41
C HIS C 215 19.18 7.02 -5.04
N LEU C 216 20.16 7.61 -4.35
CA LEU C 216 19.88 8.25 -3.07
C LEU C 216 18.75 9.27 -3.20
N LYS C 217 18.79 10.08 -4.26
CA LYS C 217 17.74 11.06 -4.49
C LYS C 217 16.39 10.36 -4.67
N ASN C 218 16.35 9.33 -5.50
CA ASN C 218 15.10 8.62 -5.72
C ASN C 218 14.64 7.88 -4.47
N ILE C 219 15.58 7.41 -3.64
CA ILE C 219 15.20 6.70 -2.42
C ILE C 219 14.60 7.67 -1.41
N GLN C 220 15.14 8.90 -1.33
CA GLN C 220 14.58 9.89 -0.43
C GLN C 220 13.17 10.27 -0.83
N LYS C 221 12.88 10.28 -2.13
CA LYS C 221 11.54 10.59 -2.60
C LYS C 221 10.59 9.42 -2.40
N LYS C 222 11.09 8.19 -2.53
CA LYS C 222 10.23 7.03 -2.31
C LYS C 222 9.68 7.01 -0.88
N PHE C 223 10.54 7.28 0.10
CA PHE C 223 10.12 7.33 1.50
C PHE C 223 9.45 8.64 1.87
N ASN C 224 9.27 9.56 0.91
CA ASN C 224 8.81 10.90 1.22
C ASN C 224 9.64 11.50 2.34
N ALA C 225 10.95 11.30 2.26
CA ALA C 225 11.88 11.73 3.29
C ALA C 225 12.55 13.02 2.86
N PRO C 226 12.39 14.12 3.61
CA PRO C 226 13.14 15.35 3.27
C PRO C 226 14.63 15.13 3.11
N ASN C 227 15.26 14.44 4.05
CA ASN C 227 16.70 14.25 4.08
C ASN C 227 17.03 12.76 4.01
N LYS C 228 18.33 12.45 4.10
CA LYS C 228 18.80 11.08 4.00
C LYS C 228 18.74 10.31 5.30
N THR C 229 18.50 10.98 6.43
CA THR C 229 18.37 10.27 7.70
C THR C 229 16.99 9.63 7.85
N GLN C 230 15.94 10.30 7.38
CA GLN C 230 14.62 9.69 7.42
C GLN C 230 14.54 8.45 6.54
N ALA C 231 15.16 8.50 5.35
CA ALA C 231 15.11 7.35 4.45
C ALA C 231 15.70 6.12 5.11
N ALA C 232 16.83 6.27 5.81
CA ALA C 232 17.45 5.14 6.48
C ALA C 232 16.73 4.77 7.76
N ALA C 233 16.33 5.78 8.55
CA ALA C 233 15.64 5.51 9.80
C ALA C 233 14.31 4.81 9.55
N TYR C 234 13.52 5.31 8.62
CA TYR C 234 12.25 4.68 8.28
C TYR C 234 12.48 3.26 7.75
N ALA C 235 13.42 3.10 6.82
CA ALA C 235 13.66 1.79 6.24
C ALA C 235 14.11 0.78 7.29
N ALA C 236 14.86 1.23 8.31
CA ALA C 236 15.35 0.31 9.32
C ALA C 236 14.20 -0.26 10.16
N ALA C 237 13.20 0.57 10.47
CA ALA C 237 12.07 0.09 11.25
C ALA C 237 11.16 -0.80 10.42
N LEU C 238 11.00 -0.48 9.15
CA LEU C 238 10.12 -1.22 8.25
C LEU C 238 10.72 -2.53 7.77
N GLY C 239 11.94 -2.86 8.18
CA GLY C 239 12.54 -4.13 7.80
C GLY C 239 12.94 -4.22 6.34
N LEU C 240 13.25 -3.09 5.71
CA LEU C 240 13.72 -3.09 4.32
C LEU C 240 15.24 -3.16 4.21
N ILE C 241 15.96 -3.16 5.33
CA ILE C 241 17.41 -3.28 5.30
C ILE C 241 17.90 -4.15 6.46
N GLY D 6 -2.52 -32.99 27.07
CA GLY D 6 -3.00 -31.62 27.03
C GLY D 6 -1.92 -30.62 26.71
N PHE D 7 -2.27 -29.59 25.92
CA PHE D 7 -1.31 -28.56 25.57
C PHE D 7 -0.95 -27.72 26.79
N LEU D 8 -1.96 -27.22 27.50
CA LEU D 8 -1.71 -26.38 28.66
C LEU D 8 -0.74 -27.04 29.64
N ASP D 9 -0.90 -28.34 29.85
CA ASP D 9 0.03 -29.06 30.72
C ASP D 9 1.44 -29.06 30.12
N TRP D 10 1.54 -29.21 28.80
CA TRP D 10 2.84 -29.25 28.14
C TRP D 10 3.55 -27.90 28.22
N TRP D 11 2.80 -26.80 28.28
CA TRP D 11 3.42 -25.47 28.32
C TRP D 11 4.06 -25.20 29.66
N GLU D 12 3.31 -25.37 30.75
CA GLU D 12 3.81 -25.00 32.07
C GLU D 12 5.04 -25.82 32.44
N ASP D 13 5.04 -27.12 32.13
CA ASP D 13 6.18 -27.95 32.45
C ASP D 13 7.40 -27.53 31.62
N LEU D 14 7.20 -27.24 30.34
CA LEU D 14 8.30 -26.76 29.51
C LEU D 14 8.86 -25.46 30.08
N ARG D 15 7.99 -24.50 30.41
CA ARG D 15 8.43 -23.28 31.06
C ARG D 15 9.13 -23.58 32.38
N SER D 16 8.67 -24.61 33.09
CA SER D 16 9.25 -24.96 34.38
C SER D 16 10.70 -25.43 34.22
N GLU D 17 10.94 -26.37 33.29
CA GLU D 17 12.30 -26.88 33.12
C GLU D 17 13.22 -25.84 32.50
N MET D 18 12.66 -24.93 31.70
CA MET D 18 13.49 -23.87 31.12
C MET D 18 13.99 -22.91 32.19
N GLN D 19 13.14 -22.58 33.16
CA GLN D 19 13.54 -21.68 34.23
C GLN D 19 14.59 -22.31 35.13
N SER D 20 14.60 -23.64 35.25
CA SER D 20 15.45 -24.35 36.17
C SER D 20 16.85 -24.64 35.62
N ILE D 21 17.12 -24.24 34.38
CA ILE D 21 18.44 -24.46 33.80
C ILE D 21 19.41 -23.42 34.34
N THR D 22 20.62 -23.86 34.69
CA THR D 22 21.63 -23.00 35.27
C THR D 22 22.83 -22.76 34.38
N ASP D 23 23.16 -23.70 33.50
CA ASP D 23 24.27 -23.56 32.57
C ASP D 23 23.75 -23.61 31.14
N SER D 24 24.49 -22.96 30.24
CA SER D 24 24.06 -22.88 28.85
C SER D 24 24.08 -24.24 28.17
N GLN D 25 24.91 -25.17 28.67
CA GLN D 25 24.97 -26.49 28.05
C GLN D 25 23.66 -27.25 28.22
N GLU D 26 22.97 -27.06 29.33
CA GLU D 26 21.72 -27.75 29.60
C GLU D 26 20.54 -27.21 28.80
N VAL D 27 20.68 -26.03 28.20
CA VAL D 27 19.59 -25.46 27.42
C VAL D 27 19.36 -26.29 26.15
N PHE D 28 20.40 -26.44 25.34
CA PHE D 28 20.28 -27.18 24.10
C PHE D 28 20.00 -28.66 24.34
N ALA D 29 20.29 -29.17 25.54
CA ALA D 29 19.92 -30.54 25.86
C ALA D 29 18.42 -30.66 26.08
N VAL D 30 17.81 -29.65 26.69
CA VAL D 30 16.36 -29.64 26.88
C VAL D 30 15.66 -29.41 25.56
N LEU D 31 16.18 -28.49 24.75
CA LEU D 31 15.59 -28.24 23.44
C LEU D 31 15.64 -29.47 22.55
N GLU D 32 16.80 -30.15 22.54
CA GLU D 32 16.93 -31.34 21.71
C GLU D 32 15.91 -32.41 22.10
N LYS D 33 15.74 -32.65 23.40
CA LYS D 33 14.79 -33.65 23.84
C LYS D 33 13.35 -33.24 23.56
N GLU D 34 13.08 -31.93 23.56
CA GLU D 34 11.72 -31.47 23.32
C GLU D 34 11.36 -31.49 21.84
N VAL D 35 12.35 -31.40 20.95
CA VAL D 35 12.05 -31.46 19.51
C VAL D 35 11.60 -32.86 19.12
N ARG D 36 12.20 -33.89 19.73
CA ARG D 36 11.76 -35.25 19.45
C ARG D 36 10.39 -35.53 20.06
N ARG D 37 10.06 -34.88 21.18
CA ARG D 37 8.72 -35.03 21.74
C ARG D 37 7.66 -34.67 20.70
N LEU D 38 7.96 -33.69 19.83
CA LEU D 38 7.04 -33.32 18.77
C LEU D 38 7.10 -34.28 17.59
N GLY D 39 8.05 -35.21 17.57
CA GLY D 39 8.17 -36.14 16.47
C GLY D 39 9.15 -35.71 15.40
N PHE D 40 10.24 -35.05 15.78
CA PHE D 40 11.26 -34.60 14.85
C PHE D 40 12.61 -35.09 15.31
N ASP D 41 13.56 -35.12 14.36
CA ASP D 41 14.87 -35.70 14.57
C ASP D 41 15.95 -34.66 14.85
N TYR D 42 16.06 -33.65 14.01
CA TYR D 42 17.09 -32.63 14.13
C TYR D 42 16.47 -31.25 14.24
N TYR D 43 17.28 -30.29 14.67
CA TYR D 43 16.84 -28.92 14.85
C TYR D 43 17.96 -27.98 14.41
N ALA D 44 17.68 -26.68 14.47
CA ALA D 44 18.68 -25.66 14.20
C ALA D 44 18.19 -24.30 14.68
N TYR D 45 18.85 -23.74 15.68
CA TYR D 45 18.49 -22.44 16.22
C TYR D 45 19.51 -21.40 15.76
N CYS D 46 19.02 -20.27 15.26
CA CYS D 46 19.89 -19.19 14.79
C CYS D 46 19.36 -17.87 15.31
N VAL D 47 20.23 -17.11 15.96
CA VAL D 47 19.94 -15.74 16.37
C VAL D 47 20.75 -14.80 15.48
N ARG D 48 20.08 -13.79 14.94
CA ARG D 48 20.73 -12.85 14.04
C ARG D 48 20.53 -11.42 14.55
N HIS D 49 21.63 -10.69 14.71
CA HIS D 49 21.54 -9.29 15.05
C HIS D 49 21.35 -8.47 13.78
N PRO D 50 20.47 -7.45 13.81
CA PRO D 50 20.19 -6.70 12.58
C PRO D 50 21.31 -5.80 12.13
N ILE D 51 22.32 -5.56 12.96
CA ILE D 51 23.42 -4.66 12.61
C ILE D 51 24.73 -5.43 12.63
N PRO D 52 25.67 -5.12 11.72
CA PRO D 52 25.54 -4.16 10.63
C PRO D 52 24.64 -4.68 9.51
N PHE D 53 24.09 -3.79 8.69
CA PHE D 53 23.16 -4.23 7.65
C PHE D 53 23.86 -4.99 6.54
N THR D 54 25.16 -4.77 6.34
CA THR D 54 25.91 -5.46 5.31
C THR D 54 26.57 -6.75 5.81
N ARG D 55 26.75 -6.89 7.13
CA ARG D 55 27.30 -8.11 7.72
C ARG D 55 26.57 -8.39 9.03
N PRO D 56 25.27 -8.67 8.95
CA PRO D 56 24.49 -8.95 10.17
C PRO D 56 25.13 -10.07 10.97
N ARG D 57 25.50 -9.77 12.22
CA ARG D 57 26.06 -10.77 13.11
C ARG D 57 25.07 -11.92 13.28
N ILE D 58 25.42 -13.10 12.76
CA ILE D 58 24.56 -14.28 12.81
C ILE D 58 25.30 -15.38 13.56
N PHE D 59 24.64 -15.94 14.57
CA PHE D 59 25.16 -17.06 15.33
C PHE D 59 24.22 -18.26 15.17
N MET D 60 24.77 -19.40 14.80
CA MET D 60 24.00 -20.57 14.41
C MET D 60 24.25 -21.73 15.37
N PHE D 61 23.18 -22.45 15.70
CA PHE D 61 23.27 -23.65 16.51
C PHE D 61 22.43 -24.73 15.85
N GLY D 62 22.71 -25.98 16.21
CA GLY D 62 21.98 -27.09 15.63
C GLY D 62 22.65 -28.40 15.95
N ASN D 63 21.90 -29.48 15.69
CA ASN D 63 22.36 -30.84 15.92
C ASN D 63 22.20 -31.69 14.66
N TYR D 64 22.31 -31.06 13.49
CA TYR D 64 22.21 -31.80 12.25
C TYR D 64 23.28 -32.89 12.19
N PRO D 65 23.11 -33.88 11.32
CA PRO D 65 24.13 -34.92 11.22
C PRO D 65 25.49 -34.31 10.92
N PRO D 66 26.57 -34.97 11.35
CA PRO D 66 27.89 -34.35 11.17
C PRO D 66 28.25 -34.11 9.72
N ALA D 67 27.95 -35.06 8.84
CA ALA D 67 28.35 -34.92 7.44
C ALA D 67 27.69 -33.74 6.78
N TRP D 68 26.45 -33.41 7.18
CA TRP D 68 25.75 -32.29 6.56
C TRP D 68 26.28 -30.96 7.09
N GLN D 69 26.48 -30.85 8.41
CA GLN D 69 27.07 -29.62 8.94
C GLN D 69 28.40 -29.32 8.29
N GLU D 70 29.14 -30.35 7.87
CA GLU D 70 30.37 -30.14 7.13
C GLU D 70 30.09 -29.74 5.68
N HIS D 71 29.02 -30.28 5.09
CA HIS D 71 28.66 -29.92 3.72
C HIS D 71 27.98 -28.57 3.64
N TYR D 72 27.30 -28.15 4.71
CA TYR D 72 26.66 -26.84 4.72
C TYR D 72 27.70 -25.73 4.59
N GLN D 73 28.85 -25.88 5.25
CA GLN D 73 29.92 -24.90 5.12
C GLN D 73 30.75 -25.12 3.86
N ALA D 74 30.78 -26.34 3.35
CA ALA D 74 31.58 -26.62 2.15
C ALA D 74 31.12 -25.77 0.98
N GLN D 75 29.86 -25.89 0.60
CA GLN D 75 29.30 -25.08 -0.49
C GLN D 75 28.93 -23.68 -0.03
N ASN D 76 28.90 -23.43 1.28
CA ASN D 76 28.65 -22.11 1.84
C ASN D 76 27.28 -21.59 1.43
N TYR D 77 26.25 -22.26 1.98
CA TYR D 77 24.87 -21.84 1.79
C TYR D 77 24.44 -20.76 2.78
N PHE D 78 25.30 -20.38 3.73
CA PHE D 78 24.92 -19.42 4.76
C PHE D 78 24.47 -18.08 4.20
N ALA D 79 24.74 -17.82 2.91
CA ALA D 79 24.32 -16.57 2.28
C ALA D 79 23.09 -16.73 1.41
N ILE D 80 22.77 -17.95 0.97
CA ILE D 80 21.65 -18.20 0.08
C ILE D 80 20.57 -19.05 0.73
N ASP D 81 20.69 -19.32 2.03
CA ASP D 81 19.72 -20.16 2.71
C ASP D 81 18.51 -19.34 3.13
N PRO D 82 17.31 -19.62 2.63
CA PRO D 82 16.13 -18.89 3.10
C PRO D 82 15.71 -19.25 4.51
N THR D 83 16.29 -20.31 5.09
CA THR D 83 15.96 -20.68 6.47
C THR D 83 16.25 -19.52 7.42
N ILE D 84 17.40 -18.87 7.24
CA ILE D 84 17.80 -17.78 8.14
C ILE D 84 17.36 -16.44 7.62
N ARG D 85 17.48 -16.21 6.30
CA ARG D 85 17.09 -14.94 5.71
C ARG D 85 15.58 -14.91 5.47
N HIS D 86 14.82 -15.27 6.49
CA HIS D 86 13.36 -15.35 6.38
C HIS D 86 12.79 -13.93 6.40
N CYS D 87 11.78 -13.68 7.24
CA CYS D 87 11.18 -12.35 7.37
C CYS D 87 11.04 -11.64 6.03
N LEU D 88 10.81 -12.40 4.97
CA LEU D 88 10.79 -11.84 3.61
C LEU D 88 9.36 -11.43 3.23
N ARG D 89 8.90 -10.36 3.88
CA ARG D 89 7.54 -9.84 3.69
C ARG D 89 6.54 -10.99 3.60
N SER D 90 6.69 -11.93 4.52
CA SER D 90 5.99 -13.22 4.43
C SER D 90 5.49 -13.57 5.83
N GLY D 91 5.22 -14.86 6.05
CA GLY D 91 4.62 -15.31 7.28
C GLY D 91 5.61 -15.49 8.41
N ASN D 92 5.05 -15.83 9.58
CA ASN D 92 5.86 -16.07 10.77
C ASN D 92 6.47 -17.47 10.73
N HIS D 93 5.70 -18.46 10.30
CA HIS D 93 6.13 -19.85 10.28
C HIS D 93 5.70 -20.49 8.97
N ILE D 94 6.64 -21.15 8.30
CA ILE D 94 6.41 -21.69 6.96
C ILE D 94 6.98 -23.10 6.90
N VAL D 95 6.18 -24.03 6.35
CA VAL D 95 6.66 -25.39 6.13
C VAL D 95 7.63 -25.40 4.95
N TRP D 96 8.66 -26.24 5.05
CA TRP D 96 9.67 -26.32 4.00
C TRP D 96 9.05 -26.77 2.67
N SER D 97 8.56 -25.82 1.90
CA SER D 97 7.98 -26.09 0.60
C SER D 97 9.03 -25.95 -0.49
N ASP D 98 8.76 -26.61 -1.63
CA ASP D 98 9.70 -26.54 -2.74
C ASP D 98 9.75 -25.14 -3.35
N ASP D 99 8.66 -24.38 -3.25
CA ASP D 99 8.69 -23.01 -3.73
C ASP D 99 9.58 -22.13 -2.86
N LEU D 100 9.74 -22.49 -1.58
CA LEU D 100 10.57 -21.71 -0.68
C LEU D 100 12.04 -21.76 -1.06
N PHE D 101 12.47 -22.80 -1.77
CA PHE D 101 13.87 -22.98 -2.17
C PHE D 101 14.07 -22.75 -3.66
N ALA D 102 13.43 -21.72 -4.21
CA ALA D 102 13.59 -21.41 -5.63
C ALA D 102 14.97 -20.86 -5.91
N ASP D 103 15.38 -19.81 -5.18
CA ASP D 103 16.70 -19.22 -5.33
C ASP D 103 17.77 -19.96 -4.51
N ALA D 104 17.46 -21.16 -4.02
CA ALA D 104 18.38 -21.98 -3.25
C ALA D 104 18.11 -23.45 -3.63
N GLN D 105 18.50 -23.80 -4.85
CA GLN D 105 18.18 -25.13 -5.38
C GLN D 105 19.18 -26.18 -4.92
N GLU D 106 20.47 -25.86 -4.98
CA GLU D 106 21.48 -26.83 -4.56
C GLU D 106 21.39 -27.16 -3.08
N LEU D 107 20.78 -26.28 -2.28
CA LEU D 107 20.66 -26.54 -0.84
C LEU D 107 19.50 -27.48 -0.54
N TRP D 108 18.38 -27.34 -1.27
CA TRP D 108 17.21 -28.15 -1.00
C TRP D 108 17.42 -29.59 -1.45
N ASP D 109 18.13 -29.78 -2.56
CA ASP D 109 18.38 -31.13 -3.06
C ASP D 109 19.39 -31.86 -2.19
N ASP D 110 20.51 -31.19 -1.88
CA ASP D 110 21.53 -31.82 -1.04
C ASP D 110 20.97 -32.12 0.36
N ALA D 111 20.20 -31.19 0.92
CA ALA D 111 19.59 -31.45 2.22
C ALA D 111 18.66 -32.65 2.17
N ARG D 112 17.91 -32.79 1.07
CA ARG D 112 17.07 -33.96 0.90
C ARG D 112 17.90 -35.24 0.76
N ASP D 113 19.14 -35.12 0.26
CA ASP D 113 19.99 -36.28 0.09
C ASP D 113 20.65 -36.72 1.39
N TYR D 114 20.75 -35.82 2.37
CA TYR D 114 21.38 -36.14 3.65
C TYR D 114 20.36 -36.46 4.74
N GLY D 115 19.10 -36.67 4.38
CA GLY D 115 18.09 -37.05 5.35
C GLY D 115 17.28 -35.91 5.91
N LEU D 116 17.24 -34.76 5.25
CA LEU D 116 16.43 -33.62 5.68
C LEU D 116 15.33 -33.39 4.65
N ARG D 117 14.42 -34.36 4.58
CA ARG D 117 13.36 -34.32 3.58
C ARG D 117 12.25 -33.35 3.99
N HIS D 118 11.81 -33.40 5.26
CA HIS D 118 10.68 -32.62 5.73
C HIS D 118 11.07 -31.79 6.94
N GLY D 119 10.47 -30.62 7.05
CA GLY D 119 10.74 -29.73 8.17
C GLY D 119 10.05 -28.40 7.99
N ALA D 120 10.21 -27.55 9.00
CA ALA D 120 9.60 -26.23 9.01
C ALA D 120 10.40 -25.35 9.96
N THR D 121 10.15 -24.05 9.89
CA THR D 121 10.89 -23.07 10.68
C THR D 121 9.95 -21.97 11.18
N HIS D 122 10.08 -21.64 12.46
CA HIS D 122 9.35 -20.55 13.07
C HIS D 122 10.29 -19.37 13.32
N SER D 123 9.73 -18.16 13.26
CA SER D 123 10.50 -16.93 13.45
C SER D 123 9.84 -16.08 14.51
N CYS D 124 10.58 -15.77 15.57
CA CYS D 124 10.16 -14.85 16.61
C CYS D 124 11.12 -13.67 16.63
N MET D 125 10.62 -12.53 17.10
CA MET D 125 11.39 -11.29 17.15
C MET D 125 11.62 -10.93 18.63
N ALA D 126 12.85 -11.16 19.09
CA ALA D 126 13.24 -10.83 20.45
C ALA D 126 13.52 -9.33 20.57
N PRO D 127 13.75 -8.82 21.79
CA PRO D 127 14.15 -7.42 21.93
C PRO D 127 15.55 -7.15 21.40
N ASN D 128 15.95 -5.87 21.43
CA ASN D 128 17.22 -5.43 20.84
C ASN D 128 17.24 -5.64 19.33
N GLY D 129 16.07 -5.62 18.70
CA GLY D 129 15.99 -5.90 17.28
C GLY D 129 16.41 -7.30 16.89
N VAL D 130 16.68 -8.16 17.87
CA VAL D 130 17.11 -9.52 17.57
C VAL D 130 15.93 -10.32 17.02
N MET D 131 16.20 -11.10 15.98
CA MET D 131 15.24 -12.06 15.45
C MET D 131 15.87 -13.44 15.52
N GLY D 132 15.12 -14.41 16.04
CA GLY D 132 15.60 -15.78 16.14
C GLY D 132 14.87 -16.68 15.18
N PHE D 133 15.52 -17.77 14.80
CA PHE D 133 14.94 -18.75 13.89
C PHE D 133 15.18 -20.14 14.44
N LEU D 134 14.09 -20.87 14.69
CA LEU D 134 14.13 -22.24 15.18
C LEU D 134 13.73 -23.16 14.04
N SER D 135 14.64 -24.03 13.63
CA SER D 135 14.40 -25.00 12.58
C SER D 135 14.26 -26.39 13.20
N VAL D 136 13.34 -27.18 12.64
CA VAL D 136 13.21 -28.60 12.98
C VAL D 136 13.04 -29.37 11.68
N ALA D 137 13.66 -30.54 11.62
CA ALA D 137 13.65 -31.36 10.41
C ALA D 137 13.55 -32.82 10.78
N ARG D 138 13.23 -33.64 9.78
CA ARG D 138 13.08 -35.08 9.93
C ARG D 138 13.00 -35.67 8.54
N SER D 139 12.98 -37.00 8.48
CA SER D 139 12.89 -37.70 7.20
C SER D 139 11.88 -38.84 7.21
N SER D 140 11.19 -39.09 8.32
CA SER D 140 10.33 -40.26 8.41
C SER D 140 8.96 -39.99 7.77
N PRO D 141 7.99 -39.30 8.41
CA PRO D 141 6.75 -38.99 7.68
C PRO D 141 6.71 -37.56 7.17
N ALA D 142 5.68 -37.22 6.39
CA ALA D 142 5.46 -35.87 5.93
C ALA D 142 4.68 -35.08 6.98
N ILE D 143 4.77 -33.75 6.88
CA ILE D 143 4.10 -32.87 7.84
C ILE D 143 2.63 -32.78 7.44
N SER D 144 1.77 -33.47 8.18
CA SER D 144 0.35 -33.49 7.86
C SER D 144 -0.27 -32.12 8.11
N PRO D 145 -1.46 -31.87 7.55
CA PRO D 145 -2.16 -30.62 7.88
C PRO D 145 -2.51 -30.52 9.35
N HIS D 146 -2.94 -31.63 9.96
CA HIS D 146 -3.19 -31.64 11.40
C HIS D 146 -1.88 -31.47 12.18
N GLU D 147 -0.78 -31.95 11.63
CA GLU D 147 0.51 -31.81 12.30
C GLU D 147 1.16 -30.48 12.02
N ARG D 148 0.88 -29.87 10.86
CA ARG D 148 1.48 -28.58 10.53
C ARG D 148 1.02 -27.49 11.48
N GLU D 149 -0.25 -27.51 11.89
CA GLU D 149 -0.76 -26.51 12.83
C GLU D 149 -0.39 -26.86 14.27
N GLU D 150 -0.33 -28.14 14.61
CA GLU D 150 0.25 -28.53 15.89
C GLU D 150 1.69 -28.05 16.00
N LEU D 151 2.37 -27.88 14.87
CA LEU D 151 3.74 -27.40 14.87
C LEU D 151 3.81 -25.88 14.92
N ARG D 152 2.86 -25.19 14.29
CA ARG D 152 2.83 -23.73 14.37
C ARG D 152 2.73 -23.26 15.82
N LEU D 153 1.95 -23.97 16.63
CA LEU D 153 1.72 -23.55 18.01
C LEU D 153 2.91 -23.92 18.89
N ARG D 154 3.42 -25.14 18.77
CA ARG D 154 4.48 -25.60 19.66
C ARG D 154 5.78 -24.87 19.40
N MET D 155 6.20 -24.79 18.13
CA MET D 155 7.43 -24.07 17.80
C MET D 155 7.38 -22.63 18.32
N ARG D 156 6.25 -21.96 18.12
CA ARG D 156 6.07 -20.61 18.66
C ARG D 156 6.34 -20.58 20.16
N CYS D 157 6.03 -21.68 20.85
CA CYS D 157 6.18 -21.71 22.30
C CYS D 157 7.62 -22.00 22.71
N LEU D 158 8.32 -22.84 21.97
CA LEU D 158 9.72 -23.11 22.29
C LEU D 158 10.62 -21.96 21.86
N ILE D 159 10.38 -21.40 20.66
CA ILE D 159 11.21 -20.32 20.18
C ILE D 159 11.07 -19.07 21.05
N GLU D 160 9.93 -18.93 21.74
CA GLU D 160 9.77 -17.80 22.64
C GLU D 160 10.49 -18.04 23.97
N LEU D 161 10.35 -19.24 24.54
CA LEU D 161 11.08 -19.59 25.76
C LEU D 161 12.55 -19.88 25.51
N LEU D 162 12.99 -19.91 24.26
CA LEU D 162 14.40 -20.12 23.97
C LEU D 162 15.19 -18.83 24.11
N HIS D 163 14.69 -17.75 23.51
CA HIS D 163 15.27 -16.43 23.76
C HIS D 163 15.23 -16.11 25.25
N GLN D 164 14.05 -16.21 25.85
CA GLN D 164 13.88 -15.84 27.24
C GLN D 164 14.90 -16.54 28.13
N THR D 165 15.08 -17.85 27.94
CA THR D 165 16.01 -18.60 28.77
C THR D 165 17.46 -18.31 28.39
N LEU D 166 17.73 -18.07 27.11
CA LEU D 166 19.12 -17.81 26.69
C LEU D 166 19.59 -16.44 27.14
N THR D 167 18.74 -15.42 27.00
CA THR D 167 19.11 -14.08 27.46
C THR D 167 19.27 -14.04 28.97
N GLU D 168 18.42 -14.78 29.70
CA GLU D 168 18.51 -14.78 31.15
C GLU D 168 19.85 -15.33 31.63
N LEU D 169 20.32 -16.40 31.00
CA LEU D 169 21.64 -16.96 31.32
C LEU D 169 22.78 -16.17 30.72
N ASN D 170 22.47 -15.08 30.01
CA ASN D 170 23.50 -14.26 29.34
C ASN D 170 24.35 -15.12 28.40
N HIS D 171 23.70 -15.65 27.38
CA HIS D 171 24.41 -16.44 26.38
C HIS D 171 25.30 -15.52 25.55
N PRO D 172 26.55 -15.91 25.30
CA PRO D 172 27.48 -14.99 24.61
C PRO D 172 27.00 -14.58 23.22
N SER D 173 26.17 -15.38 22.56
CA SER D 173 25.66 -15.00 21.24
C SER D 173 24.65 -13.85 21.35
N LEU D 174 23.88 -13.82 22.42
CA LEU D 174 22.83 -12.81 22.61
C LEU D 174 23.24 -11.72 23.59
N GLN D 175 24.53 -11.63 23.93
CA GLN D 175 25.03 -10.65 24.88
C GLN D 175 25.18 -9.27 24.25
N PRO D 176 25.89 -9.14 23.10
CA PRO D 176 26.15 -7.80 22.57
C PRO D 176 24.89 -7.01 22.23
N GLN D 177 25.08 -5.79 21.71
CA GLN D 177 24.01 -4.85 21.43
C GLN D 177 23.20 -4.51 22.69
N PRO D 178 23.86 -4.14 23.81
CA PRO D 178 23.08 -3.69 24.97
C PRO D 178 23.16 -2.19 25.17
N ILE D 179 23.14 -1.43 24.07
CA ILE D 179 23.34 0.01 24.12
C ILE D 179 22.06 0.67 24.63
N CYS D 180 22.21 1.56 25.61
CA CYS D 180 21.09 2.29 26.17
C CYS D 180 21.29 3.80 25.94
N LEU D 181 20.18 4.53 26.00
CA LEU D 181 20.18 5.97 25.81
C LEU D 181 19.45 6.63 26.98
N SER D 182 19.71 7.92 27.17
CA SER D 182 19.07 8.70 28.21
C SER D 182 17.79 9.34 27.68
N LYS D 183 16.86 9.62 28.60
CA LYS D 183 15.57 10.16 28.21
C LYS D 183 15.71 11.43 27.39
N ARG D 184 16.79 12.19 27.60
CA ARG D 184 16.98 13.44 26.86
C ARG D 184 17.55 13.17 25.47
N GLU D 185 18.66 12.43 25.38
CA GLU D 185 19.29 12.20 24.09
C GLU D 185 18.47 11.26 23.21
N ARG D 186 17.65 10.38 23.80
CA ARG D 186 16.73 9.58 23.00
C ARG D 186 15.66 10.44 22.35
N GLU D 187 15.09 11.37 23.12
CA GLU D 187 14.09 12.28 22.57
C GLU D 187 14.64 13.03 21.36
N ILE D 188 15.91 13.45 21.43
CA ILE D 188 16.53 14.10 20.29
C ILE D 188 16.59 13.16 19.10
N LEU D 189 16.96 11.90 19.34
CA LEU D 189 17.17 10.96 18.24
C LEU D 189 15.86 10.72 17.47
N ARG D 190 14.74 10.62 18.18
CA ARG D 190 13.46 10.51 17.50
C ARG D 190 13.23 11.70 16.57
N TRP D 191 13.41 12.91 17.10
CA TRP D 191 13.12 14.11 16.32
C TRP D 191 14.02 14.20 15.09
N THR D 192 15.29 13.85 15.25
CA THR D 192 16.19 13.87 14.11
C THR D 192 15.84 12.77 13.10
N ALA D 193 15.48 11.58 13.60
CA ALA D 193 15.09 10.48 12.74
C ALA D 193 13.77 10.77 12.00
N ASP D 194 13.02 11.79 12.41
CA ASP D 194 11.79 12.17 11.75
C ASP D 194 11.99 13.31 10.76
N GLY D 195 13.23 13.72 10.53
CA GLY D 195 13.54 14.68 9.49
C GLY D 195 13.69 16.11 9.96
N LYS D 196 14.25 16.31 11.14
CA LYS D 196 14.47 17.64 11.69
C LYS D 196 15.97 17.91 11.80
N THR D 197 16.34 19.18 11.66
CA THR D 197 17.72 19.60 11.77
C THR D 197 18.05 19.99 13.20
N SER D 198 19.33 19.82 13.57
CA SER D 198 19.76 20.15 14.93
C SER D 198 19.37 21.58 15.29
N ALA D 199 19.51 22.51 14.35
CA ALA D 199 19.06 23.88 14.59
C ALA D 199 17.56 23.93 14.86
N GLU D 200 16.82 22.93 14.40
CA GLU D 200 15.39 22.83 14.66
C GLU D 200 15.07 22.06 15.93
N ILE D 201 15.99 21.21 16.40
CA ILE D 201 15.80 20.52 17.66
C ILE D 201 16.03 21.47 18.83
N ALA D 202 16.99 22.39 18.69
CA ALA D 202 17.24 23.35 19.75
C ALA D 202 16.01 24.21 20.03
N LYS D 203 15.18 24.45 19.01
CA LYS D 203 13.96 25.22 19.21
C LYS D 203 12.82 24.37 19.77
N ILE D 204 12.78 23.09 19.39
CA ILE D 204 11.66 22.25 19.77
C ILE D 204 11.77 21.80 21.23
N LEU D 205 12.99 21.74 21.77
CA LEU D 205 13.21 21.30 23.14
C LEU D 205 13.51 22.44 24.10
N GLY D 206 13.82 23.62 23.59
CA GLY D 206 14.15 24.74 24.46
C GLY D 206 15.55 24.69 25.02
N ILE D 207 16.54 24.36 24.19
CA ILE D 207 17.93 24.29 24.60
C ILE D 207 18.78 24.80 23.45
N SER D 208 20.07 25.01 23.72
CA SER D 208 20.96 25.57 22.73
C SER D 208 21.36 24.54 21.70
N GLU D 209 21.80 25.02 20.53
CA GLU D 209 22.24 24.12 19.48
C GLU D 209 23.51 23.38 19.87
N SER D 210 24.39 24.04 20.61
CA SER D 210 25.59 23.37 21.08
C SER D 210 25.24 22.15 21.94
N THR D 211 24.20 22.27 22.77
CA THR D 211 23.78 21.16 23.61
C THR D 211 23.16 20.04 22.80
N VAL D 212 22.42 20.38 21.73
CA VAL D 212 21.88 19.35 20.85
C VAL D 212 23.02 18.58 20.19
N ASN D 213 23.94 19.30 19.53
CA ASN D 213 25.06 18.64 18.90
C ASN D 213 25.92 17.90 19.91
N PHE D 214 25.98 18.39 21.15
CA PHE D 214 26.76 17.70 22.18
C PHE D 214 26.21 16.29 22.41
N HIS D 215 24.89 16.17 22.56
CA HIS D 215 24.30 14.85 22.77
C HIS D 215 24.46 13.96 21.54
N LEU D 216 24.42 14.54 20.34
CA LEU D 216 24.60 13.74 19.13
C LEU D 216 25.99 13.13 19.09
N LYS D 217 27.02 13.87 19.49
CA LYS D 217 28.36 13.29 19.60
C LYS D 217 28.35 12.08 20.52
N ASN D 218 27.77 12.24 21.72
CA ASN D 218 27.72 11.13 22.67
C ASN D 218 26.92 9.97 22.11
N ILE D 219 25.85 10.26 21.37
CA ILE D 219 25.07 9.19 20.73
C ILE D 219 25.95 8.47 19.72
N GLN D 220 26.69 9.21 18.90
CA GLN D 220 27.60 8.59 17.95
C GLN D 220 28.71 7.83 18.69
N LYS D 221 29.22 8.40 19.78
CA LYS D 221 30.26 7.72 20.55
C LYS D 221 29.78 6.38 21.06
N LYS D 222 28.49 6.25 21.38
CA LYS D 222 27.97 4.98 21.87
C LYS D 222 27.88 3.96 20.73
N PHE D 223 27.25 4.34 19.62
CA PHE D 223 27.16 3.45 18.46
C PHE D 223 28.45 3.34 17.69
N ASN D 224 29.49 4.09 18.07
CA ASN D 224 30.76 4.10 17.34
C ASN D 224 30.53 4.41 15.87
N ALA D 225 29.55 5.28 15.61
CA ALA D 225 29.18 5.68 14.26
C ALA D 225 29.87 6.99 13.89
N PRO D 226 30.31 7.14 12.63
CA PRO D 226 31.00 8.38 12.24
C PRO D 226 30.05 9.57 12.02
N ASN D 227 28.87 9.32 11.46
CA ASN D 227 27.93 10.36 11.11
C ASN D 227 26.61 10.15 11.85
N LYS D 228 25.70 11.11 11.65
CA LYS D 228 24.41 11.10 12.34
C LYS D 228 23.34 10.28 11.62
N THR D 229 23.61 9.84 10.39
CA THR D 229 22.63 9.05 9.66
C THR D 229 22.75 7.55 9.93
N GLN D 230 23.94 7.07 10.33
CA GLN D 230 24.07 5.67 10.72
C GLN D 230 23.47 5.42 12.10
N ALA D 231 23.71 6.33 13.05
CA ALA D 231 23.25 6.11 14.42
C ALA D 231 21.73 6.04 14.49
N ALA D 232 21.03 6.79 13.64
CA ALA D 232 19.57 6.77 13.68
C ALA D 232 19.04 5.42 13.21
N ALA D 233 19.61 4.88 12.13
CA ALA D 233 19.15 3.58 11.63
C ALA D 233 19.49 2.47 12.60
N TYR D 234 20.69 2.51 13.19
CA TYR D 234 21.07 1.50 14.18
C TYR D 234 20.09 1.50 15.35
N ALA D 235 19.74 2.69 15.85
CA ALA D 235 18.82 2.77 16.97
C ALA D 235 17.43 2.29 16.56
N ALA D 236 17.03 2.56 15.32
CA ALA D 236 15.74 2.07 14.84
C ALA D 236 15.74 0.56 14.71
N ALA D 237 16.86 -0.02 14.25
CA ALA D 237 16.96 -1.47 14.17
C ALA D 237 16.91 -2.10 15.55
N LEU D 238 17.62 -1.51 16.51
CA LEU D 238 17.64 -2.03 17.88
C LEU D 238 16.40 -1.65 18.69
N GLY D 239 15.43 -0.97 18.07
CA GLY D 239 14.21 -0.62 18.77
C GLY D 239 14.41 0.31 19.94
N LEU D 240 15.47 1.14 19.90
CA LEU D 240 15.72 2.10 20.96
C LEU D 240 14.93 3.39 20.80
N ILE D 241 14.31 3.62 19.65
CA ILE D 241 13.50 4.81 19.43
C ILE D 241 12.10 4.42 18.93
C1 HL4 E . 11.91 14.20 -22.78
C2 HL4 E . 13.27 13.54 -22.90
C4 HL4 E . 13.45 15.62 -23.90
C5 HL4 E . 12.22 15.67 -23.03
O6 HL4 E . 13.62 12.47 -22.50
N7 HL4 E . 11.38 13.92 -21.45
C8 HL4 E . 10.74 12.79 -21.16
O9 HL4 E . 10.54 11.90 -21.98
C10 HL4 E . 10.26 12.65 -19.73
C11 HL4 E . 9.71 11.28 -19.39
C13 HL4 E . 8.31 11.08 -19.89
OAP HL4 E . 14.12 14.38 -23.54
H1 HL4 E . 11.26 13.80 -23.54
H4 HL4 E . 13.27 15.55 -24.97
H4A HL4 E . 14.18 16.41 -23.73
H5 HL4 E . 11.38 16.18 -23.51
H5A HL4 E . 12.37 16.23 -22.10
HN7 HL4 E . 11.53 14.63 -20.75
H10 HL4 E . 11.06 12.89 -19.04
H10A HL4 E . 9.48 13.39 -19.53
H11 HL4 E . 10.37 10.52 -19.80
H11A HL4 E . 9.74 11.13 -18.31
H13 HL4 E . 8.29 10.71 -20.92
H13A HL4 E . 7.73 11.99 -19.89
H13B HL4 E . 7.76 10.35 -19.30
C1 HL4 F . -26.77 -2.45 -18.51
C2 HL4 F . -28.22 -2.08 -18.26
C4 HL4 F . -28.10 -4.37 -18.06
C5 HL4 F . -26.69 -3.86 -17.90
O6 HL4 F . -28.71 -0.99 -18.26
N7 HL4 F . -25.99 -1.41 -17.87
C8 HL4 F . -25.34 -0.47 -18.57
O9 HL4 F . -24.97 -0.64 -19.73
C10 HL4 F . -25.12 0.84 -17.86
C11 HL4 F . -23.86 1.55 -18.31
C13 HL4 F . -22.62 0.77 -18.01
OAP HL4 F . -28.95 -3.18 -18.01
H1 HL4 F . -26.54 -2.53 -19.58
H4 HL4 F . -28.32 -4.84 -19.01
H4A HL4 F . -28.45 -5.02 -17.26
H5 HL4 F . -25.94 -4.47 -18.40
H5A HL4 F . -26.36 -3.82 -16.86
HN7 HL4 F . -25.96 -1.44 -16.86
H10 HL4 F . -25.97 1.50 -18.01
H10A HL4 F . -25.07 0.69 -16.78
H11 HL4 F . -23.93 1.75 -19.38
H11A HL4 F . -23.81 2.53 -17.84
H13 HL4 F . -22.51 0.55 -16.95
H13A HL4 F . -21.71 1.30 -18.30
H13B HL4 F . -22.58 -0.19 -18.52
#